data_5UL4
#
_entry.id   5UL4
#
_cell.length_a   89.360
_cell.length_b   99.600
_cell.length_c   121.440
_cell.angle_alpha   90.00
_cell.angle_beta   90.00
_cell.angle_gamma   90.00
#
_symmetry.space_group_name_H-M   'P 21 21 21'
#
loop_
_entity.id
_entity.type
_entity.pdbx_description
1 polymer 'OxsB protein'
2 non-polymer 'IRON/SULFUR CLUSTER'
3 non-polymer COBALAMIN
4 non-polymer S-ADENOSYLMETHIONINE
5 non-polymer '2-(N-MORPHOLINO)-ETHANESULFONIC ACID'
6 non-polymer 1,2-ETHANEDIOL
7 water water
#
_entity_poly.entity_id   1
_entity_poly.type   'polypeptide(L)'
_entity_poly.pdbx_seq_one_letter_code
;MQTYLSTKSIEYYLKELKEIFSQIWLKPSEIEKRCEELFKRSKEFDYKRILVSGETDNTTLYVIEDSSKIHVFSPNRDLR
ENPLLMRWHPSWYEIESKEIYYKCFLSCEELYEHLELPTVTLVNLCVIENFPIPRLNLSTGTLSSYLRKEQLAKVELIDM
QVGTTINQIIKNLLDSQPDIIGLSVNFGQKKLAFEILDLIYSHIENGDLSSIITVGNVIPSFSPEQFFERYPSLLICDKE
GEYTLRDLIKMLKKELKLDEVNGISYVDESGEVKHNVAETVNFKEEVPTPSLDILGEISKFRGALTLETSRGCDYSRCTF
CPRDHKLRSWRPLSVEQTLKQLDDILRAGKHFNIKPHIYMADEEFIGELPNGTEAQRIIDICEGLLKREEKIKFDFAARA
DSVYEPKRTKEWNVERLKMWHYCALAGADRIFIGVESGSNQQLKRYGKGTTSEQNIIALRLVSALGINLRIGFIMFDQLM
KGLDNLKENLDFLERTDALMKPIDIGDMTYEELYDKLLNDKEFIEKHKTGKPVYTIVSYMLASMEILMNTPYSRMVQLTE
RKEEVNLIMNDGKPDMNMGRYATSFVDKTNGNLSEACQMWIDSNFGVMYTIKSLHKVANPREKKKLYSYMETHREISHFL
LKYLVYNLSPDKESQIILSDFLRMHSMEHILDNSKINVGDGSKENILNVMTNWQLIMEKLLRDVEADLNKGIITDSEDHR
LHNTLKRWFSDMGNWSLINAYELN
;
_entity_poly.pdbx_strand_id   A
#
# COMPACT_ATOMS: atom_id res chain seq x y z
N LEU A 5 47.85 14.66 0.64
CA LEU A 5 46.67 15.49 0.90
C LEU A 5 46.68 16.10 2.30
N SER A 6 46.69 17.43 2.36
CA SER A 6 46.78 18.14 3.63
C SER A 6 45.52 17.91 4.45
N THR A 7 45.64 18.14 5.77
CA THR A 7 44.47 18.02 6.63
C THR A 7 43.47 19.14 6.39
N LYS A 8 43.91 20.27 5.85
CA LYS A 8 42.97 21.31 5.46
C LYS A 8 42.25 20.97 4.17
N SER A 9 42.92 20.29 3.22
CA SER A 9 42.29 19.99 1.93
C SER A 9 41.39 18.77 2.01
N ILE A 10 41.55 17.92 3.01
CA ILE A 10 40.49 17.00 3.38
C ILE A 10 39.19 17.76 3.55
N GLU A 11 39.21 18.80 4.41
CA GLU A 11 38.01 19.56 4.74
C GLU A 11 37.32 20.10 3.49
N TYR A 12 38.09 20.52 2.49
CA TYR A 12 37.47 21.06 1.28
C TYR A 12 36.79 19.96 0.47
N TYR A 13 37.42 18.80 0.36
CA TYR A 13 36.81 17.71 -0.40
C TYR A 13 35.54 17.21 0.29
N LEU A 14 35.57 17.10 1.62
CA LEU A 14 34.38 16.74 2.38
C LEU A 14 33.26 17.76 2.16
N LYS A 15 33.61 19.05 2.24
CA LYS A 15 32.60 20.12 2.09
C LYS A 15 31.86 20.00 0.76
N GLU A 16 32.61 19.81 -0.33
CA GLU A 16 31.97 19.70 -1.62
C GLU A 16 31.20 18.39 -1.76
N LEU A 17 31.74 17.30 -1.20
CA LEU A 17 31.06 16.01 -1.24
C LEU A 17 29.76 16.05 -0.47
N LYS A 18 29.75 16.70 0.70
CA LYS A 18 28.53 16.90 1.44
C LYS A 18 27.46 17.58 0.58
N GLU A 19 27.88 18.54 -0.26
CA GLU A 19 26.95 19.23 -1.13
C GLU A 19 26.45 18.35 -2.26
N ILE A 20 27.34 17.53 -2.82
CA ILE A 20 26.92 16.59 -3.85
C ILE A 20 25.94 15.57 -3.27
N PHE A 21 26.29 14.99 -2.11
CA PHE A 21 25.52 13.90 -1.51
C PHE A 21 24.15 14.35 -1.00
N SER A 22 24.00 15.63 -0.64
CA SER A 22 22.71 16.15 -0.19
C SER A 22 21.63 16.04 -1.26
N GLN A 23 22.01 15.78 -2.52
CA GLN A 23 21.06 15.68 -3.62
C GLN A 23 20.63 14.21 -3.78
N ILE A 24 19.83 13.76 -2.82
CA ILE A 24 19.52 12.33 -2.67
C ILE A 24 18.57 11.80 -3.74
N TRP A 25 18.06 12.67 -4.61
CA TRP A 25 17.28 12.21 -5.75
C TRP A 25 18.14 11.76 -6.92
N LEU A 26 19.43 12.11 -6.95
CA LEU A 26 20.24 11.74 -8.11
C LEU A 26 20.58 10.26 -8.04
N LYS A 27 20.58 9.61 -9.20
CA LYS A 27 21.03 8.22 -9.26
C LYS A 27 22.52 8.13 -8.88
N PRO A 28 22.96 6.98 -8.35
CA PRO A 28 24.38 6.88 -7.93
C PRO A 28 25.38 7.13 -9.06
N SER A 29 25.05 6.76 -10.30
CA SER A 29 25.94 7.07 -11.42
C SER A 29 26.06 8.58 -11.63
N GLU A 30 24.96 9.32 -11.43
CA GLU A 30 25.03 10.78 -11.52
C GLU A 30 25.83 11.38 -10.37
N ILE A 31 25.72 10.79 -9.18
CA ILE A 31 26.51 11.24 -8.04
C ILE A 31 28.00 10.99 -8.30
N GLU A 32 28.32 9.85 -8.91
CA GLU A 32 29.70 9.54 -9.22
C GLU A 32 30.25 10.52 -10.26
N LYS A 33 29.46 10.83 -11.29
CA LYS A 33 29.86 11.83 -12.27
C LYS A 33 30.31 13.12 -11.59
N ARG A 34 29.49 13.65 -10.68
CA ARG A 34 29.88 14.87 -10.00
C ARG A 34 31.09 14.65 -9.08
N CYS A 35 31.27 13.45 -8.55
CA CYS A 35 32.47 13.21 -7.75
C CYS A 35 33.73 13.20 -8.62
N GLU A 36 33.67 12.58 -9.80
CA GLU A 36 34.82 12.58 -10.70
C GLU A 36 35.22 13.99 -11.08
N GLU A 37 34.24 14.82 -11.44
CA GLU A 37 34.53 16.18 -11.83
C GLU A 37 35.12 17.00 -10.68
N LEU A 38 34.74 16.67 -9.43
CA LEU A 38 35.32 17.39 -8.30
C LEU A 38 36.77 17.00 -8.06
N PHE A 39 37.14 15.76 -8.36
CA PHE A 39 38.50 15.33 -8.02
C PHE A 39 39.48 15.56 -9.17
N LYS A 40 39.03 15.42 -10.42
CA LYS A 40 39.85 15.83 -11.56
C LYS A 40 40.14 17.33 -11.57
N ARG A 41 39.37 18.12 -10.83
CA ARG A 41 39.41 19.59 -10.91
C ARG A 41 40.62 20.16 -10.18
N SER A 42 40.85 19.73 -8.94
CA SER A 42 41.97 20.27 -8.17
C SER A 42 43.31 19.80 -8.73
N LYS A 43 43.34 18.63 -9.37
CA LYS A 43 44.52 18.06 -10.02
C LYS A 43 45.71 17.94 -9.06
N GLU A 44 45.46 17.94 -7.76
CA GLU A 44 46.52 17.76 -6.77
C GLU A 44 46.73 16.30 -6.39
N PHE A 45 46.14 15.37 -7.15
CA PHE A 45 46.51 13.96 -7.24
C PHE A 45 45.54 13.26 -8.17
N ASP A 46 46.01 12.26 -8.93
CA ASP A 46 45.14 11.50 -9.83
C ASP A 46 44.88 10.12 -9.26
N TYR A 47 43.95 9.41 -9.89
CA TYR A 47 43.39 8.20 -9.32
C TYR A 47 42.98 7.27 -10.45
N LYS A 48 42.77 6.00 -10.11
CA LYS A 48 42.38 5.01 -11.11
C LYS A 48 40.87 4.80 -11.19
N ARG A 49 40.17 4.84 -10.06
CA ARG A 49 38.77 4.43 -10.06
C ARG A 49 38.09 5.04 -8.84
N ILE A 50 36.80 5.32 -8.97
CA ILE A 50 36.02 5.74 -7.82
C ILE A 50 34.80 4.85 -7.69
N LEU A 51 34.28 4.81 -6.47
CA LEU A 51 33.05 4.09 -6.13
C LEU A 51 32.29 4.94 -5.12
N VAL A 52 30.98 5.12 -5.31
CA VAL A 52 30.12 5.69 -4.28
C VAL A 52 29.22 4.57 -3.78
N SER A 53 29.04 4.49 -2.46
CA SER A 53 28.06 3.56 -1.86
C SER A 53 27.48 4.25 -0.63
N GLY A 54 26.71 3.50 0.15
CA GLY A 54 25.97 4.15 1.23
C GLY A 54 24.82 4.95 0.63
N GLU A 55 24.10 5.66 1.50
CA GLU A 55 22.93 6.41 1.10
C GLU A 55 22.67 7.48 2.15
N THR A 56 21.95 8.53 1.72
CA THR A 56 21.63 9.71 2.51
C THR A 56 22.76 10.06 3.48
N ASP A 57 22.55 9.84 4.76
CA ASP A 57 23.48 10.32 5.80
C ASP A 57 24.70 9.41 5.99
N ASN A 58 24.95 8.45 5.11
CA ASN A 58 26.16 7.64 5.24
C ASN A 58 26.80 7.41 3.87
N THR A 59 26.41 8.22 2.88
CA THR A 59 26.99 8.11 1.56
C THR A 59 28.51 8.31 1.65
N THR A 60 29.24 7.47 0.93
CA THR A 60 30.68 7.29 1.11
C THR A 60 31.31 7.26 -0.26
N LEU A 61 32.45 7.95 -0.42
CA LEU A 61 33.22 7.92 -1.66
C LEU A 61 34.54 7.20 -1.41
N TYR A 62 34.85 6.22 -2.27
CA TYR A 62 36.15 5.58 -2.32
C TYR A 62 36.89 6.09 -3.56
N VAL A 63 38.10 6.59 -3.35
CA VAL A 63 38.97 7.00 -4.43
C VAL A 63 40.15 6.03 -4.43
N ILE A 64 40.20 5.16 -5.44
CA ILE A 64 41.20 4.11 -5.52
C ILE A 64 42.34 4.66 -6.35
N GLU A 65 43.42 5.08 -5.68
CA GLU A 65 44.61 5.52 -6.41
C GLU A 65 45.29 4.36 -7.12
N ASP A 66 45.53 3.28 -6.37
N ASP A 66 45.64 3.31 -6.39
CA ASP A 66 45.46 1.90 -6.85
CA ASP A 66 46.38 2.24 -7.05
C ASP A 66 45.14 1.00 -5.65
C ASP A 66 46.21 0.96 -6.26
N SER A 67 45.32 -0.31 -5.81
N SER A 67 47.06 -0.03 -6.54
CA SER A 67 44.96 -1.23 -4.74
CA SER A 67 47.08 -1.30 -5.82
C SER A 67 45.73 -1.00 -3.44
C SER A 67 47.65 -1.18 -4.41
N SER A 68 46.88 -0.33 -3.50
N SER A 68 47.74 0.05 -3.86
CA SER A 68 47.71 -0.10 -2.32
CA SER A 68 48.25 0.21 -2.50
C SER A 68 47.50 1.27 -1.68
C SER A 68 47.71 1.45 -1.78
N LYS A 69 46.70 2.15 -2.31
CA LYS A 69 46.34 3.44 -1.75
C LYS A 69 44.87 3.72 -2.09
N ILE A 70 44.00 3.72 -1.07
CA ILE A 70 42.55 3.90 -1.21
C ILE A 70 42.11 4.97 -0.20
N HIS A 71 41.55 6.07 -0.70
CA HIS A 71 41.01 7.12 0.15
C HIS A 71 39.52 6.91 0.36
N VAL A 72 39.05 7.22 1.56
CA VAL A 72 37.64 7.04 1.88
C VAL A 72 37.13 8.32 2.53
N PHE A 73 36.09 8.91 1.92
CA PHE A 73 35.45 10.12 2.42
C PHE A 73 34.03 9.81 2.86
N SER A 74 33.69 10.21 4.09
CA SER A 74 32.35 10.02 4.66
C SER A 74 31.91 11.34 5.31
N PRO A 75 31.39 12.28 4.50
CA PRO A 75 31.07 13.61 5.06
C PRO A 75 29.95 13.60 6.06
N ASN A 76 29.01 12.67 5.95
CA ASN A 76 27.82 12.69 6.78
C ASN A 76 27.89 11.75 7.97
N ARG A 77 28.89 10.88 8.08
CA ARG A 77 28.90 9.96 9.22
C ARG A 77 30.32 9.52 9.56
N ASP A 78 30.54 9.30 10.86
CA ASP A 78 31.78 8.73 11.37
C ASP A 78 32.16 7.49 10.57
N LEU A 79 33.30 7.59 9.88
CA LEU A 79 33.83 6.47 9.10
C LEU A 79 33.95 5.19 9.93
N ARG A 80 34.07 5.30 11.25
CA ARG A 80 34.18 4.10 12.05
C ARG A 80 32.93 3.24 11.99
N GLU A 81 31.78 3.80 11.60
CA GLU A 81 30.56 3.02 11.48
C GLU A 81 30.35 2.42 10.08
N ASN A 82 31.29 2.62 9.18
CA ASN A 82 31.17 2.11 7.82
C ASN A 82 31.15 0.59 7.85
N PRO A 83 30.08 -0.04 7.32
CA PRO A 83 29.94 -1.50 7.46
C PRO A 83 30.87 -2.25 6.53
N LEU A 84 31.21 -1.67 5.37
CA LEU A 84 32.14 -2.36 4.46
C LEU A 84 33.53 -2.42 5.06
N LEU A 85 34.00 -1.30 5.60
CA LEU A 85 35.31 -1.33 6.26
C LEU A 85 35.29 -2.29 7.44
N MET A 86 34.17 -2.34 8.17
CA MET A 86 34.09 -3.21 9.34
C MET A 86 34.15 -4.69 8.95
N ARG A 87 33.53 -5.07 7.84
CA ARG A 87 33.65 -6.45 7.35
C ARG A 87 35.08 -6.76 6.94
N TRP A 88 35.75 -5.79 6.32
CA TRP A 88 37.12 -5.99 5.87
C TRP A 88 38.09 -6.09 7.05
N HIS A 89 37.87 -5.31 8.10
CA HIS A 89 38.82 -5.23 9.21
C HIS A 89 38.08 -4.75 10.46
N PRO A 90 37.61 -5.67 11.30
CA PRO A 90 36.79 -5.26 12.46
C PRO A 90 37.50 -4.36 13.45
N SER A 91 38.83 -4.27 13.43
CA SER A 91 39.57 -3.41 14.34
C SER A 91 40.42 -2.38 13.64
N TRP A 92 39.99 -1.86 12.48
CA TRP A 92 40.89 -0.94 11.80
C TRP A 92 41.01 0.39 12.55
N TYR A 93 40.02 0.77 13.33
CA TYR A 93 39.92 2.13 13.85
C TYR A 93 40.18 2.19 15.36
N GLU A 94 40.35 3.42 15.86
CA GLU A 94 40.58 3.67 17.27
C GLU A 94 39.27 4.04 17.97
N ILE A 95 38.98 3.36 19.08
CA ILE A 95 37.72 3.54 19.80
C ILE A 95 37.69 4.88 20.52
N GLU A 96 38.78 5.26 21.19
CA GLU A 96 38.92 6.59 21.77
C GLU A 96 39.46 7.49 20.67
N SER A 97 38.58 8.25 20.03
CA SER A 97 38.98 9.10 18.92
C SER A 97 37.85 10.07 18.62
N LYS A 98 38.21 11.28 18.19
CA LYS A 98 37.23 12.13 17.56
C LYS A 98 36.67 11.41 16.33
N GLU A 99 35.45 11.77 15.94
CA GLU A 99 34.88 11.14 14.76
C GLU A 99 35.79 11.35 13.56
N ILE A 100 35.80 10.38 12.67
CA ILE A 100 36.69 10.32 11.52
C ILE A 100 35.85 10.40 10.26
N TYR A 101 36.17 11.32 9.37
CA TYR A 101 35.43 11.43 8.10
C TYR A 101 36.30 11.19 6.89
N TYR A 102 37.60 10.96 7.08
CA TYR A 102 38.51 10.65 5.98
C TYR A 102 39.54 9.65 6.48
N LYS A 103 40.02 8.84 5.56
CA LYS A 103 41.07 7.89 5.92
C LYS A 103 41.66 7.35 4.64
N CYS A 104 43.00 7.33 4.56
CA CYS A 104 43.70 6.71 3.45
C CYS A 104 44.27 5.38 3.93
N PHE A 105 43.94 4.31 3.21
CA PHE A 105 44.34 2.95 3.57
C PHE A 105 45.49 2.53 2.65
N LEU A 106 46.62 2.18 3.24
CA LEU A 106 47.87 1.96 2.53
C LEU A 106 48.25 0.47 2.56
N SER A 107 48.55 -0.07 1.38
CA SER A 107 48.93 -1.48 1.22
C SER A 107 47.92 -2.42 1.87
N CYS A 108 46.65 -2.15 1.61
CA CYS A 108 45.54 -2.96 2.15
C CYS A 108 44.93 -3.72 0.98
N GLU A 109 45.59 -4.82 0.61
CA GLU A 109 45.28 -5.50 -0.64
C GLU A 109 43.87 -6.06 -0.66
N GLU A 110 43.43 -6.68 0.42
CA GLU A 110 42.11 -7.29 0.37
C GLU A 110 40.97 -6.28 0.39
N LEU A 111 41.25 -5.02 0.74
CA LEU A 111 40.19 -4.01 0.70
C LEU A 111 39.65 -3.82 -0.71
N TYR A 112 40.51 -3.91 -1.73
N TYR A 112 40.51 -3.93 -1.72
CA TYR A 112 40.02 -3.75 -3.10
CA TYR A 112 40.08 -3.81 -3.11
C TYR A 112 38.96 -4.80 -3.42
C TYR A 112 38.99 -4.81 -3.44
N GLU A 113 39.18 -6.05 -3.02
CA GLU A 113 38.19 -7.09 -3.28
C GLU A 113 36.85 -6.73 -2.66
N HIS A 114 36.86 -6.14 -1.45
CA HIS A 114 35.61 -5.70 -0.84
C HIS A 114 34.96 -4.57 -1.63
N LEU A 115 35.77 -3.77 -2.35
CA LEU A 115 35.22 -2.66 -3.12
C LEU A 115 34.74 -3.08 -4.51
N GLU A 116 34.88 -4.35 -4.89
CA GLU A 116 34.33 -4.82 -6.16
C GLU A 116 32.91 -5.32 -5.88
N LEU A 117 31.99 -4.36 -5.78
CA LEU A 117 30.60 -4.68 -5.44
C LEU A 117 29.90 -5.37 -6.60
N PRO A 118 29.10 -6.42 -6.34
CA PRO A 118 28.23 -6.96 -7.38
C PRO A 118 27.18 -5.94 -7.75
N THR A 119 26.55 -6.14 -8.90
CA THR A 119 25.48 -5.26 -9.36
C THR A 119 24.16 -6.00 -9.25
N VAL A 120 23.16 -5.31 -8.72
CA VAL A 120 21.82 -5.85 -8.54
C VAL A 120 20.85 -4.92 -9.26
N THR A 121 20.03 -5.48 -10.15
CA THR A 121 18.98 -4.70 -10.81
C THR A 121 17.64 -5.21 -10.32
N LEU A 122 16.81 -4.30 -9.80
CA LEU A 122 15.49 -4.61 -9.29
C LEU A 122 14.47 -3.90 -10.17
N VAL A 123 13.46 -4.64 -10.62
CA VAL A 123 12.46 -4.16 -11.57
C VAL A 123 11.08 -4.24 -10.92
N ASN A 124 10.39 -3.11 -10.84
CA ASN A 124 9.00 -3.12 -10.39
C ASN A 124 8.09 -3.27 -11.60
N LEU A 125 7.29 -4.32 -11.63
CA LEU A 125 6.38 -4.48 -12.76
C LEU A 125 5.17 -3.58 -12.59
N CYS A 126 4.52 -3.26 -13.71
CA CYS A 126 3.28 -2.49 -13.67
C CYS A 126 2.52 -2.72 -14.96
N VAL A 127 1.22 -3.01 -14.83
CA VAL A 127 0.31 -3.00 -15.97
C VAL A 127 -0.25 -1.57 -16.05
N ILE A 128 0.40 -0.73 -16.87
CA ILE A 128 0.14 0.72 -16.81
C ILE A 128 -1.30 1.08 -17.19
N GLU A 129 -1.98 0.24 -17.96
CA GLU A 129 -3.36 0.57 -18.32
C GLU A 129 -4.30 0.54 -17.12
N ASN A 130 -3.95 -0.21 -16.07
CA ASN A 130 -4.78 -0.26 -14.87
C ASN A 130 -4.40 0.78 -13.83
N PHE A 131 -3.15 1.26 -13.84
CA PHE A 131 -2.65 2.21 -12.84
C PHE A 131 -1.93 3.32 -13.58
N PRO A 132 -2.64 4.39 -13.92
CA PRO A 132 -2.00 5.50 -14.66
C PRO A 132 -1.12 6.37 -13.79
N ILE A 133 -1.45 6.48 -12.50
CA ILE A 133 -0.83 7.44 -11.60
C ILE A 133 0.13 6.68 -10.69
N PRO A 134 1.44 6.87 -10.81
CA PRO A 134 2.40 6.08 -10.02
C PRO A 134 2.45 6.53 -8.56
N ARG A 135 3.03 5.66 -7.73
CA ARG A 135 3.45 6.00 -6.38
C ARG A 135 4.86 5.46 -6.19
N LEU A 136 5.71 6.20 -5.49
CA LEU A 136 7.06 5.75 -5.17
C LEU A 136 7.04 4.28 -4.75
N ASN A 137 7.79 3.43 -5.44
CA ASN A 137 7.68 2.00 -5.20
C ASN A 137 8.58 1.62 -4.03
N LEU A 138 7.96 1.28 -2.91
CA LEU A 138 8.70 0.88 -1.71
C LEU A 138 9.22 -0.54 -1.83
N SER A 139 8.50 -1.40 -2.55
CA SER A 139 8.90 -2.81 -2.71
C SER A 139 10.36 -2.88 -3.15
N THR A 140 10.71 -2.14 -4.20
CA THR A 140 12.08 -2.16 -4.67
C THR A 140 12.91 -1.05 -4.02
N GLY A 141 12.29 0.08 -3.67
CA GLY A 141 13.06 1.18 -3.11
C GLY A 141 13.73 0.85 -1.78
N THR A 142 13.04 0.08 -0.91
CA THR A 142 13.65 -0.28 0.37
C THR A 142 14.69 -1.38 0.20
N LEU A 143 14.50 -2.28 -0.76
CA LEU A 143 15.54 -3.28 -1.01
C LEU A 143 16.82 -2.59 -1.46
N SER A 144 16.67 -1.60 -2.34
CA SER A 144 17.83 -0.83 -2.81
C SER A 144 18.52 -0.08 -1.68
N SER A 145 17.75 0.66 -0.88
CA SER A 145 18.39 1.45 0.17
C SER A 145 19.03 0.56 1.24
N TYR A 146 18.40 -0.58 1.55
CA TYR A 146 19.04 -1.52 2.47
C TYR A 146 20.40 -1.96 1.94
N LEU A 147 20.45 -2.38 0.67
CA LEU A 147 21.72 -2.84 0.11
C LEU A 147 22.76 -1.71 0.03
N ARG A 148 22.34 -0.50 -0.31
CA ARG A 148 23.30 0.60 -0.40
C ARG A 148 23.85 0.98 0.97
N LYS A 149 22.99 1.06 1.98
CA LYS A 149 23.45 1.41 3.32
C LYS A 149 24.42 0.36 3.87
N GLU A 150 24.15 -0.92 3.65
CA GLU A 150 25.11 -1.96 4.02
C GLU A 150 26.33 -2.00 3.10
N GLN A 151 26.32 -1.24 1.99
CA GLN A 151 27.38 -1.21 0.97
C GLN A 151 27.66 -2.60 0.44
N LEU A 152 26.59 -3.35 0.17
CA LEU A 152 26.68 -4.71 -0.33
C LEU A 152 26.69 -4.79 -1.85
N ALA A 153 26.14 -3.79 -2.52
CA ALA A 153 25.99 -3.91 -3.97
C ALA A 153 25.73 -2.54 -4.56
N LYS A 154 26.03 -2.42 -5.85
CA LYS A 154 25.52 -1.33 -6.67
C LYS A 154 24.15 -1.75 -7.17
N VAL A 155 23.14 -0.93 -6.94
CA VAL A 155 21.76 -1.31 -7.22
C VAL A 155 21.24 -0.40 -8.33
N GLU A 156 20.63 -1.01 -9.34
CA GLU A 156 19.90 -0.30 -10.38
C GLU A 156 18.41 -0.56 -10.22
N LEU A 157 17.59 0.50 -10.31
CA LEU A 157 16.14 0.41 -10.16
C LEU A 157 15.48 0.72 -11.50
N ILE A 158 14.54 -0.13 -11.88
CA ILE A 158 13.71 0.07 -13.06
C ILE A 158 12.27 -0.01 -12.61
N ASP A 159 11.43 0.94 -13.03
CA ASP A 159 10.04 0.98 -12.59
C ASP A 159 9.14 1.10 -13.81
N MET A 160 8.35 0.05 -14.07
CA MET A 160 7.38 0.09 -15.18
C MET A 160 6.28 1.11 -14.95
N GLN A 161 6.12 1.60 -13.73
CA GLN A 161 5.12 2.64 -13.46
C GLN A 161 5.34 3.88 -14.31
N VAL A 162 6.57 4.23 -14.62
CA VAL A 162 6.84 5.45 -15.34
C VAL A 162 6.98 5.19 -16.84
N GLY A 163 6.44 4.07 -17.32
CA GLY A 163 6.35 3.82 -18.73
C GLY A 163 7.41 2.94 -19.33
N THR A 164 8.46 2.59 -18.57
CA THR A 164 9.47 1.67 -19.08
C THR A 164 8.82 0.38 -19.57
N THR A 165 9.13 0.00 -20.82
CA THR A 165 8.50 -1.15 -21.45
C THR A 165 9.35 -2.40 -21.30
N ILE A 166 8.70 -3.55 -21.51
CA ILE A 166 9.39 -4.84 -21.49
C ILE A 166 10.68 -4.78 -22.30
N ASN A 167 10.61 -4.29 -23.54
CA ASN A 167 11.82 -4.25 -24.36
C ASN A 167 12.86 -3.29 -23.79
N GLN A 168 12.44 -2.17 -23.19
CA GLN A 168 13.39 -1.25 -22.59
C GLN A 168 14.04 -1.85 -21.34
N ILE A 169 13.27 -2.61 -20.56
CA ILE A 169 13.84 -3.34 -19.43
C ILE A 169 15.02 -4.19 -19.90
N ILE A 170 14.80 -5.00 -20.94
CA ILE A 170 15.84 -5.91 -21.42
C ILE A 170 17.04 -5.11 -21.92
N LYS A 171 16.80 -4.03 -22.64
CA LYS A 171 17.90 -3.17 -23.09
C LYS A 171 18.72 -2.69 -21.92
N ASN A 172 18.05 -2.17 -20.88
CA ASN A 172 18.71 -1.78 -19.65
C ASN A 172 19.56 -2.91 -19.08
N LEU A 173 18.99 -4.10 -19.02
CA LEU A 173 19.68 -5.24 -18.41
C LEU A 173 20.94 -5.60 -19.20
N LEU A 174 20.84 -5.61 -20.54
CA LEU A 174 22.02 -5.89 -21.34
C LEU A 174 23.10 -4.86 -21.10
N ASP A 175 22.73 -3.59 -20.88
CA ASP A 175 23.73 -2.55 -20.74
C ASP A 175 24.44 -2.61 -19.40
N SER A 176 23.70 -2.89 -18.32
CA SER A 176 24.26 -2.85 -16.97
C SER A 176 24.94 -4.14 -16.54
N GLN A 177 24.61 -5.27 -17.18
CA GLN A 177 25.22 -6.56 -16.88
C GLN A 177 25.15 -6.93 -15.39
N PRO A 178 23.96 -7.00 -14.82
CA PRO A 178 23.86 -7.25 -13.39
C PRO A 178 24.23 -8.68 -13.03
N ASP A 179 24.68 -8.85 -11.79
CA ASP A 179 24.95 -10.16 -11.22
C ASP A 179 23.70 -10.82 -10.67
N ILE A 180 22.72 -10.01 -10.29
CA ILE A 180 21.47 -10.50 -9.71
C ILE A 180 20.35 -9.68 -10.33
N ILE A 181 19.31 -10.34 -10.83
CA ILE A 181 18.13 -9.67 -11.36
C ILE A 181 16.94 -10.05 -10.51
N GLY A 182 16.17 -9.06 -10.09
CA GLY A 182 14.99 -9.33 -9.28
C GLY A 182 13.77 -8.60 -9.80
N LEU A 183 12.65 -9.32 -9.88
CA LEU A 183 11.38 -8.74 -10.30
C LEU A 183 10.41 -8.75 -9.12
N SER A 184 9.75 -7.63 -8.88
CA SER A 184 8.64 -7.58 -7.93
C SER A 184 7.35 -7.90 -8.70
N VAL A 185 6.65 -8.97 -8.30
CA VAL A 185 5.51 -9.49 -9.06
C VAL A 185 4.27 -9.38 -8.18
N ASN A 186 3.37 -8.49 -8.55
CA ASN A 186 2.16 -8.22 -7.77
C ASN A 186 0.93 -8.79 -8.48
N PHE A 187 -0.22 -8.69 -7.78
CA PHE A 187 -1.50 -9.15 -8.33
C PHE A 187 -1.68 -8.70 -9.77
N GLY A 188 -2.09 -9.64 -10.63
CA GLY A 188 -2.39 -9.30 -12.01
C GLY A 188 -1.19 -9.10 -12.90
N GLN A 189 0.01 -9.43 -12.43
CA GLN A 189 1.25 -9.25 -13.19
C GLN A 189 1.90 -10.57 -13.57
N LYS A 190 1.19 -11.69 -13.43
CA LYS A 190 1.76 -12.98 -13.80
C LYS A 190 2.21 -13.00 -15.27
N LYS A 191 1.30 -12.66 -16.19
CA LYS A 191 1.63 -12.69 -17.61
C LYS A 191 2.80 -11.76 -17.94
N LEU A 192 2.78 -10.54 -17.40
CA LEU A 192 3.89 -9.63 -17.60
C LEU A 192 5.19 -10.21 -17.06
N ALA A 193 5.16 -10.77 -15.85
CA ALA A 193 6.35 -11.39 -15.27
C ALA A 193 6.87 -12.53 -16.14
N PHE A 194 5.98 -13.42 -16.57
CA PHE A 194 6.40 -14.55 -17.40
C PHE A 194 7.01 -14.09 -18.71
N GLU A 195 6.51 -13.01 -19.28
CA GLU A 195 7.09 -12.47 -20.50
C GLU A 195 8.50 -11.96 -20.25
N ILE A 196 8.68 -11.16 -19.20
CA ILE A 196 10.01 -10.64 -18.90
C ILE A 196 10.95 -11.78 -18.54
N LEU A 197 10.47 -12.76 -17.75
CA LEU A 197 11.33 -13.88 -17.40
C LEU A 197 11.75 -14.68 -18.64
N ASP A 198 10.81 -14.92 -19.57
CA ASP A 198 11.16 -15.64 -20.79
C ASP A 198 12.31 -14.97 -21.52
N LEU A 199 12.28 -13.63 -21.63
CA LEU A 199 13.30 -12.89 -22.34
C LEU A 199 14.63 -12.84 -21.60
N ILE A 200 14.58 -12.73 -20.27
CA ILE A 200 15.80 -12.79 -19.47
C ILE A 200 16.51 -14.12 -19.70
N TYR A 201 15.77 -15.23 -19.54
CA TYR A 201 16.39 -16.55 -19.68
C TYR A 201 16.80 -16.82 -21.14
N SER A 202 16.04 -16.29 -22.11
CA SER A 202 16.48 -16.35 -23.50
C SER A 202 17.84 -15.69 -23.69
N HIS A 203 18.09 -14.57 -22.99
CA HIS A 203 19.39 -13.93 -23.15
C HIS A 203 20.47 -14.55 -22.25
N ILE A 204 20.10 -15.17 -21.13
CA ILE A 204 21.10 -15.93 -20.38
C ILE A 204 21.64 -17.06 -21.24
N GLU A 205 20.71 -17.81 -21.86
CA GLU A 205 21.06 -18.89 -22.78
C GLU A 205 21.94 -18.40 -23.92
N ASN A 206 21.71 -17.19 -24.39
CA ASN A 206 22.48 -16.67 -25.51
C ASN A 206 23.82 -16.10 -25.07
N GLY A 207 24.09 -16.04 -23.78
CA GLY A 207 25.35 -15.52 -23.31
C GLY A 207 25.44 -14.02 -23.17
N ASP A 208 24.33 -13.30 -23.34
CA ASP A 208 24.31 -11.85 -23.21
C ASP A 208 24.20 -11.38 -21.76
N LEU A 209 23.72 -12.27 -20.88
CA LEU A 209 23.55 -12.01 -19.46
C LEU A 209 23.98 -13.25 -18.68
N SER A 210 24.52 -13.03 -17.49
CA SER A 210 24.68 -14.13 -16.53
C SER A 210 24.28 -13.59 -15.17
N SER A 211 23.19 -14.11 -14.60
CA SER A 211 22.64 -13.50 -13.42
C SER A 211 21.90 -14.54 -12.61
N ILE A 212 22.00 -14.43 -11.28
CA ILE A 212 21.01 -15.04 -10.42
C ILE A 212 19.69 -14.33 -10.63
N ILE A 213 18.62 -15.10 -10.83
CA ILE A 213 17.28 -14.55 -11.07
C ILE A 213 16.44 -14.85 -9.83
N THR A 214 15.76 -13.82 -9.31
CA THR A 214 14.85 -14.04 -8.20
C THR A 214 13.57 -13.25 -8.44
N VAL A 215 12.46 -13.75 -7.91
CA VAL A 215 11.23 -12.97 -7.92
C VAL A 215 10.73 -12.85 -6.50
N GLY A 216 10.07 -11.73 -6.21
CA GLY A 216 9.52 -11.49 -4.89
C GLY A 216 8.13 -10.88 -4.95
N ASN A 217 7.62 -10.50 -3.78
CA ASN A 217 6.25 -10.06 -3.53
C ASN A 217 5.27 -11.24 -3.51
N VAL A 218 3.98 -10.93 -3.36
CA VAL A 218 3.03 -11.89 -2.78
C VAL A 218 2.67 -13.01 -3.77
N ILE A 219 2.65 -12.72 -5.07
CA ILE A 219 2.16 -13.66 -6.08
C ILE A 219 3.07 -14.89 -6.18
N PRO A 220 4.39 -14.77 -6.38
CA PRO A 220 5.22 -15.99 -6.34
C PRO A 220 5.34 -16.62 -4.95
N SER A 221 5.28 -15.84 -3.87
CA SER A 221 5.36 -16.42 -2.53
C SER A 221 4.23 -17.39 -2.29
N PHE A 222 3.03 -17.03 -2.73
CA PHE A 222 1.85 -17.86 -2.46
C PHE A 222 1.72 -19.00 -3.44
N SER A 223 2.18 -18.81 -4.69
CA SER A 223 1.99 -19.79 -5.76
C SER A 223 3.32 -20.14 -6.43
N PRO A 224 4.25 -20.75 -5.68
CA PRO A 224 5.59 -20.99 -6.26
C PRO A 224 5.61 -22.07 -7.33
N GLU A 225 4.65 -23.00 -7.31
CA GLU A 225 4.71 -24.16 -8.21
C GLU A 225 4.60 -23.73 -9.66
N GLN A 226 3.74 -22.75 -9.96
CA GLN A 226 3.57 -22.35 -11.34
C GLN A 226 4.80 -21.66 -11.89
N PHE A 227 5.60 -21.05 -11.00
CA PHE A 227 6.85 -20.45 -11.43
C PHE A 227 7.92 -21.52 -11.64
N PHE A 228 8.04 -22.46 -10.69
CA PHE A 228 9.08 -23.48 -10.79
C PHE A 228 8.85 -24.40 -11.99
N GLU A 229 7.59 -24.57 -12.40
CA GLU A 229 7.28 -25.43 -13.53
C GLU A 229 7.87 -24.89 -14.82
N ARG A 230 7.86 -23.57 -15.00
CA ARG A 230 8.42 -22.96 -16.20
C ARG A 230 9.88 -22.55 -16.03
N TYR A 231 10.30 -22.15 -14.83
CA TYR A 231 11.69 -21.77 -14.56
C TYR A 231 12.16 -22.53 -13.34
N PRO A 232 12.74 -23.73 -13.51
CA PRO A 232 13.07 -24.55 -12.34
C PRO A 232 14.27 -24.03 -11.54
N SER A 233 15.11 -23.19 -12.12
CA SER A 233 16.26 -22.61 -11.42
C SER A 233 15.94 -21.28 -10.75
N LEU A 234 14.72 -20.78 -10.91
CA LEU A 234 14.32 -19.51 -10.31
C LEU A 234 14.32 -19.61 -8.79
N LEU A 235 14.72 -18.52 -8.14
CA LEU A 235 14.72 -18.44 -6.69
C LEU A 235 13.58 -17.50 -6.28
N ILE A 236 12.67 -17.98 -5.45
CA ILE A 236 11.51 -17.19 -5.04
C ILE A 236 11.73 -16.65 -3.64
N CYS A 237 11.59 -15.34 -3.48
CA CYS A 237 11.69 -14.72 -2.16
C CYS A 237 10.30 -14.75 -1.53
N ASP A 238 10.20 -15.46 -0.39
CA ASP A 238 8.90 -15.80 0.19
C ASP A 238 8.32 -14.69 1.04
N LYS A 239 9.17 -13.90 1.68
CA LYS A 239 8.71 -12.87 2.61
C LYS A 239 9.51 -11.59 2.37
N GLU A 240 10.16 -11.05 3.38
CA GLU A 240 10.94 -9.83 3.15
C GLU A 240 12.14 -10.12 2.24
N GLY A 241 12.54 -9.11 1.45
CA GLY A 241 13.61 -9.31 0.49
C GLY A 241 15.00 -8.91 0.94
N GLU A 242 15.10 -8.11 2.00
CA GLU A 242 16.39 -7.50 2.39
C GLU A 242 17.46 -8.55 2.67
N TYR A 243 17.17 -9.46 3.61
CA TYR A 243 18.19 -10.45 3.96
C TYR A 243 18.35 -11.50 2.88
N THR A 244 17.28 -11.76 2.11
CA THR A 244 17.38 -12.63 0.96
C THR A 244 18.43 -12.09 -0.03
N LEU A 245 18.34 -10.81 -0.38
CA LEU A 245 19.32 -10.23 -1.31
C LEU A 245 20.72 -10.21 -0.70
N ARG A 246 20.85 -9.83 0.58
CA ARG A 246 22.14 -9.93 1.25
C ARG A 246 22.74 -11.32 1.07
N ASP A 247 21.94 -12.37 1.24
CA ASP A 247 22.48 -13.72 1.21
C ASP A 247 22.74 -14.22 -0.21
N LEU A 248 21.97 -13.76 -1.19
CA LEU A 248 22.32 -14.09 -2.58
C LEU A 248 23.66 -13.46 -2.97
N ILE A 249 23.95 -12.27 -2.43
CA ILE A 249 25.24 -11.62 -2.66
C ILE A 249 26.36 -12.43 -2.03
N LYS A 250 26.14 -12.93 -0.80
CA LYS A 250 27.10 -13.85 -0.22
C LYS A 250 27.25 -15.11 -1.06
N MET A 251 26.16 -15.67 -1.58
CA MET A 251 26.27 -16.89 -2.36
C MET A 251 27.05 -16.65 -3.65
N LEU A 252 26.84 -15.49 -4.29
CA LEU A 252 27.68 -15.09 -5.43
C LEU A 252 29.16 -15.19 -5.11
N LYS A 253 29.56 -14.80 -3.89
CA LYS A 253 30.96 -14.86 -3.46
C LYS A 253 31.33 -16.21 -2.86
N LYS A 254 30.47 -17.22 -3.00
CA LYS A 254 30.74 -18.57 -2.51
C LYS A 254 30.88 -18.60 -0.99
N GLU A 255 30.29 -17.61 -0.31
CA GLU A 255 30.31 -17.54 1.14
C GLU A 255 29.09 -18.18 1.80
N LEU A 256 28.11 -18.59 1.01
CA LEU A 256 26.93 -19.28 1.51
C LEU A 256 26.54 -20.30 0.46
N LYS A 257 26.00 -21.41 0.92
CA LYS A 257 25.36 -22.34 -0.01
C LYS A 257 23.90 -21.92 -0.22
N LEU A 258 23.32 -22.43 -1.29
CA LEU A 258 21.93 -22.12 -1.62
C LEU A 258 20.99 -22.47 -0.47
N ASP A 259 21.24 -23.59 0.22
CA ASP A 259 20.33 -23.99 1.29
C ASP A 259 20.55 -23.18 2.58
N GLU A 260 21.43 -22.19 2.55
CA GLU A 260 21.63 -21.25 3.64
C GLU A 260 21.05 -19.87 3.38
N VAL A 261 20.52 -19.62 2.19
CA VAL A 261 20.09 -18.28 1.80
C VAL A 261 18.75 -17.97 2.43
N ASN A 262 18.69 -16.87 3.17
CA ASN A 262 17.50 -16.45 3.90
C ASN A 262 16.25 -16.43 3.03
N GLY A 263 15.19 -17.06 3.54
CA GLY A 263 13.84 -16.77 3.07
C GLY A 263 13.56 -16.99 1.60
N ILE A 264 14.09 -18.06 1.02
CA ILE A 264 13.76 -18.38 -0.36
C ILE A 264 13.15 -19.76 -0.43
N SER A 265 12.39 -19.97 -1.51
N SER A 265 12.38 -19.96 -1.50
CA SER A 265 11.99 -21.30 -1.92
CA SER A 265 11.97 -21.27 -1.95
C SER A 265 12.60 -21.56 -3.28
C SER A 265 12.63 -21.55 -3.28
N TYR A 266 13.07 -22.79 -3.47
CA TYR A 266 13.75 -23.16 -4.72
C TYR A 266 13.55 -24.65 -4.94
N VAL A 267 13.91 -25.10 -6.14
CA VAL A 267 13.96 -26.52 -6.49
C VAL A 267 15.41 -26.97 -6.33
N ASP A 268 15.63 -27.98 -5.48
CA ASP A 268 16.97 -28.54 -5.36
C ASP A 268 17.21 -29.52 -6.52
N GLU A 269 18.36 -30.20 -6.49
CA GLU A 269 18.75 -31.02 -7.64
C GLU A 269 17.85 -32.25 -7.78
N SER A 270 17.40 -32.82 -6.65
N SER A 270 17.41 -32.81 -6.65
CA SER A 270 16.52 -33.98 -6.69
CA SER A 270 16.52 -33.97 -6.68
C SER A 270 15.15 -33.67 -7.27
C SER A 270 15.17 -33.66 -7.31
N GLY A 271 14.83 -32.39 -7.50
CA GLY A 271 13.52 -31.99 -7.97
C GLY A 271 12.56 -31.60 -6.87
N GLU A 272 13.00 -31.65 -5.61
CA GLU A 272 12.15 -31.36 -4.47
C GLU A 272 12.22 -29.87 -4.11
N VAL A 273 11.07 -29.31 -3.76
CA VAL A 273 10.99 -27.90 -3.37
C VAL A 273 11.46 -27.76 -1.93
N LYS A 274 12.45 -26.88 -1.72
CA LYS A 274 12.93 -26.53 -0.39
C LYS A 274 12.45 -25.13 -0.04
N HIS A 275 12.26 -24.88 1.26
CA HIS A 275 12.01 -23.55 1.77
C HIS A 275 13.03 -23.29 2.88
N ASN A 276 13.70 -22.15 2.81
CA ASN A 276 14.63 -21.76 3.84
C ASN A 276 13.95 -20.80 4.79
N VAL A 277 14.24 -20.95 6.09
CA VAL A 277 13.66 -20.05 7.08
C VAL A 277 14.03 -18.60 6.76
N ALA A 278 13.08 -17.70 7.00
CA ALA A 278 13.28 -16.28 6.80
C ALA A 278 13.34 -15.61 8.16
N GLU A 279 14.50 -15.08 8.51
CA GLU A 279 14.65 -14.31 9.74
C GLU A 279 14.03 -12.93 9.54
N THR A 280 13.08 -12.58 10.40
CA THR A 280 12.40 -11.31 10.21
C THR A 280 13.38 -10.14 10.27
N VAL A 281 13.25 -9.22 9.32
CA VAL A 281 14.25 -8.15 9.20
C VAL A 281 14.21 -7.23 10.40
N ASN A 282 15.40 -6.79 10.83
CA ASN A 282 15.50 -5.78 11.87
C ASN A 282 15.12 -4.42 11.29
N PHE A 283 13.83 -4.25 10.98
CA PHE A 283 13.31 -3.07 10.28
C PHE A 283 13.57 -1.78 11.04
N LYS A 284 13.55 -1.85 12.38
CA LYS A 284 13.67 -0.67 13.23
C LYS A 284 14.88 0.18 12.87
N GLU A 285 15.96 -0.47 12.47
CA GLU A 285 17.20 0.26 12.28
C GLU A 285 18.04 -0.16 11.08
N GLU A 286 17.63 -1.17 10.31
CA GLU A 286 18.47 -1.55 9.19
C GLU A 286 17.92 -1.11 7.84
N VAL A 287 16.67 -0.67 7.76
CA VAL A 287 16.07 -0.31 6.47
C VAL A 287 15.92 1.21 6.45
N PRO A 288 16.74 1.92 5.66
CA PRO A 288 16.69 3.39 5.69
C PRO A 288 15.68 3.92 4.66
N THR A 289 15.67 5.24 4.49
CA THR A 289 14.89 5.93 3.47
C THR A 289 14.85 5.12 2.19
N PRO A 290 13.67 4.86 1.60
N PRO A 290 13.67 4.86 1.61
CA PRO A 290 13.63 4.23 0.29
CA PRO A 290 13.64 4.21 0.29
C PRO A 290 14.48 5.01 -0.71
C PRO A 290 14.46 5.00 -0.72
N SER A 291 15.10 4.28 -1.63
CA SER A 291 15.91 4.93 -2.66
C SER A 291 14.98 5.80 -3.51
N LEU A 292 15.48 6.97 -3.93
CA LEU A 292 14.64 7.93 -4.63
C LEU A 292 15.02 8.09 -6.10
N ASP A 293 15.73 7.11 -6.66
CA ASP A 293 16.16 7.15 -8.06
C ASP A 293 15.02 7.47 -9.02
N ILE A 294 13.83 6.91 -8.77
CA ILE A 294 12.70 7.04 -9.70
C ILE A 294 11.86 8.28 -9.44
N LEU A 295 12.18 9.05 -8.40
CA LEU A 295 11.26 10.07 -7.94
C LEU A 295 11.02 11.13 -9.02
N GLY A 296 12.06 11.52 -9.75
CA GLY A 296 11.90 12.54 -10.79
C GLY A 296 10.92 12.11 -11.86
N GLU A 297 11.05 10.88 -12.35
CA GLU A 297 10.11 10.36 -13.33
C GLU A 297 8.71 10.25 -12.74
N ILE A 298 8.60 9.89 -11.46
CA ILE A 298 7.29 9.78 -10.82
C ILE A 298 6.62 11.14 -10.75
N SER A 299 7.40 12.19 -10.51
CA SER A 299 6.85 13.53 -10.47
C SER A 299 6.32 13.96 -11.84
N LYS A 300 6.98 13.54 -12.92
CA LYS A 300 6.50 13.86 -14.26
C LYS A 300 5.14 13.22 -14.54
N PHE A 301 4.81 12.14 -13.84
CA PHE A 301 3.51 11.50 -13.94
C PHE A 301 2.57 11.92 -12.82
N ARG A 302 2.89 13.00 -12.11
CA ARG A 302 2.08 13.48 -10.99
C ARG A 302 1.82 12.40 -9.95
N GLY A 303 2.87 11.61 -9.67
CA GLY A 303 2.79 10.53 -8.71
C GLY A 303 2.88 10.98 -7.26
N ALA A 304 2.83 9.98 -6.36
CA ALA A 304 2.63 10.18 -4.92
C ALA A 304 3.85 9.76 -4.10
N LEU A 305 4.10 10.50 -3.02
CA LEU A 305 5.10 10.09 -2.03
C LEU A 305 4.50 9.05 -1.09
N THR A 306 5.33 8.08 -0.69
CA THR A 306 4.87 6.98 0.16
C THR A 306 6.00 6.63 1.12
N LEU A 307 5.62 5.99 2.23
CA LEU A 307 6.59 5.55 3.23
C LEU A 307 5.89 4.45 4.04
N GLU A 308 6.67 3.47 4.49
CA GLU A 308 6.16 2.44 5.37
C GLU A 308 6.86 2.64 6.72
N THR A 309 6.10 2.98 7.77
CA THR A 309 6.73 3.28 9.06
C THR A 309 6.68 2.07 10.01
N SER A 310 6.09 0.97 9.56
CA SER A 310 5.98 -0.27 10.33
C SER A 310 5.62 -1.38 9.36
N ARG A 311 6.00 -2.60 9.74
CA ARG A 311 5.70 -3.80 8.97
C ARG A 311 4.89 -4.76 9.84
N GLY A 312 3.94 -5.43 9.22
CA GLY A 312 3.16 -6.45 9.91
C GLY A 312 1.92 -5.92 10.60
N CYS A 313 1.23 -6.84 11.29
CA CYS A 313 0.00 -6.52 11.98
C CYS A 313 0.06 -7.24 13.32
N ASP A 314 -0.04 -6.54 14.44
N ASP A 314 -0.08 -6.46 14.40
CA ASP A 314 0.04 -7.33 15.66
CA ASP A 314 -0.06 -6.97 15.77
C ASP A 314 -1.26 -8.09 15.91
C ASP A 314 -1.28 -7.82 16.06
N TYR A 315 -2.36 -7.64 15.31
CA TYR A 315 -3.63 -8.36 15.52
C TYR A 315 -3.65 -9.64 14.67
N SER A 316 -3.67 -9.49 13.35
CA SER A 316 -3.44 -10.60 12.42
C SER A 316 -4.51 -11.70 12.51
N ARG A 317 -5.71 -11.37 12.96
CA ARG A 317 -6.75 -12.39 13.14
C ARG A 317 -7.94 -12.26 12.21
N CYS A 318 -8.01 -11.23 11.39
CA CYS A 318 -9.13 -11.11 10.46
C CYS A 318 -9.13 -12.29 9.51
N THR A 319 -10.27 -12.99 9.41
CA THR A 319 -10.22 -14.30 8.79
C THR A 319 -9.99 -14.21 7.28
N PHE A 320 -10.25 -13.06 6.66
CA PHE A 320 -10.04 -12.85 5.23
C PHE A 320 -8.64 -12.33 4.89
N CYS A 321 -7.81 -12.02 5.88
CA CYS A 321 -6.52 -11.37 5.65
C CYS A 321 -5.36 -12.36 5.86
N PRO A 322 -4.72 -12.87 4.81
CA PRO A 322 -3.65 -13.87 5.02
C PRO A 322 -2.39 -13.22 5.59
N ARG A 323 -1.77 -13.90 6.57
CA ARG A 323 -0.64 -13.32 7.28
C ARG A 323 0.72 -13.95 6.92
N ASP A 324 0.76 -14.87 5.95
CA ASP A 324 1.98 -15.65 5.74
C ASP A 324 3.09 -14.81 5.08
N HIS A 325 2.75 -13.85 4.24
CA HIS A 325 3.74 -13.02 3.55
C HIS A 325 4.08 -11.77 4.37
N LYS A 326 3.08 -11.19 5.03
CA LYS A 326 3.27 -9.95 5.76
C LYS A 326 3.63 -10.17 7.22
N LEU A 327 3.42 -11.39 7.74
CA LEU A 327 3.82 -11.83 9.09
C LEU A 327 2.82 -11.41 10.16
N ARG A 328 2.94 -12.02 11.33
CA ARG A 328 1.97 -11.88 12.40
C ARG A 328 2.49 -11.06 13.56
N SER A 329 3.60 -10.36 13.37
CA SER A 329 4.12 -9.47 14.39
C SER A 329 4.30 -8.10 13.76
N TRP A 330 4.33 -7.08 14.60
CA TRP A 330 4.39 -5.69 14.16
C TRP A 330 5.77 -5.13 14.47
N ARG A 331 6.43 -4.57 13.46
CA ARG A 331 7.82 -4.10 13.57
C ARG A 331 7.88 -2.62 13.20
N PRO A 332 7.90 -1.73 14.17
CA PRO A 332 7.88 -0.29 13.87
C PRO A 332 9.27 0.26 13.61
N LEU A 333 9.32 1.27 12.73
CA LEU A 333 10.47 2.17 12.65
C LEU A 333 10.59 2.98 13.93
N SER A 334 11.83 3.30 14.33
CA SER A 334 11.97 4.18 15.48
C SER A 334 11.40 5.56 15.16
N VAL A 335 11.06 6.30 16.22
CA VAL A 335 10.58 7.66 16.03
C VAL A 335 11.61 8.46 15.26
N GLU A 336 12.87 8.26 15.60
N GLU A 336 12.86 8.45 15.69
CA GLU A 336 13.98 8.98 14.99
CA GLU A 336 13.81 9.36 15.06
C GLU A 336 14.10 8.67 13.50
C GLU A 336 14.10 8.94 13.62
N GLN A 337 14.06 7.39 13.14
N GLN A 337 13.98 7.64 13.32
CA GLN A 337 14.14 7.01 11.73
CA GLN A 337 14.13 7.19 11.93
C GLN A 337 12.89 7.46 10.97
C GLN A 337 12.92 7.56 11.07
N THR A 338 11.71 7.38 11.60
CA THR A 338 10.49 7.84 10.92
C THR A 338 10.60 9.32 10.57
N LEU A 339 11.04 10.14 11.52
CA LEU A 339 11.14 11.57 11.23
C LEU A 339 12.21 11.86 10.19
N LYS A 340 13.33 11.12 10.24
CA LYS A 340 14.39 11.33 9.24
C LYS A 340 13.90 10.94 7.85
N GLN A 341 13.26 9.78 7.73
CA GLN A 341 12.83 9.32 6.41
C GLN A 341 11.76 10.24 5.85
N LEU A 342 10.88 10.74 6.71
CA LEU A 342 9.87 11.69 6.24
C LEU A 342 10.54 12.97 5.76
N ASP A 343 11.53 13.46 6.51
CA ASP A 343 12.27 14.66 6.09
C ASP A 343 12.92 14.45 4.73
N ASP A 344 13.60 13.31 4.55
CA ASP A 344 14.23 13.00 3.28
C ASP A 344 13.23 13.01 2.13
N ILE A 345 12.12 12.28 2.28
CA ILE A 345 11.18 12.16 1.18
C ILE A 345 10.51 13.49 0.89
N LEU A 346 10.19 14.25 1.95
CA LEU A 346 9.55 15.55 1.72
C LEU A 346 10.53 16.52 1.04
N ARG A 347 11.79 16.53 1.47
CA ARG A 347 12.77 17.40 0.82
C ARG A 347 12.94 17.02 -0.64
N ALA A 348 13.04 15.72 -0.93
CA ALA A 348 13.23 15.29 -2.30
C ALA A 348 12.01 15.60 -3.15
N GLY A 349 10.80 15.42 -2.60
CA GLY A 349 9.61 15.73 -3.36
C GLY A 349 9.49 17.23 -3.66
N LYS A 350 9.81 18.07 -2.67
CA LYS A 350 9.79 19.51 -2.87
C LYS A 350 10.74 19.94 -4.00
N HIS A 351 11.88 19.24 -4.13
CA HIS A 351 12.78 19.50 -5.23
C HIS A 351 12.11 19.29 -6.59
N PHE A 352 11.18 18.34 -6.70
CA PHE A 352 10.46 18.13 -7.95
C PHE A 352 9.04 18.70 -7.95
N ASN A 353 8.71 19.58 -6.99
CA ASN A 353 7.39 20.19 -6.91
C ASN A 353 6.28 19.15 -6.75
N ILE A 354 6.59 18.04 -6.07
CA ILE A 354 5.56 17.15 -5.54
C ILE A 354 5.03 17.74 -4.22
N LYS A 355 3.71 17.81 -4.08
CA LYS A 355 3.15 18.48 -2.90
C LYS A 355 3.35 17.61 -1.65
N PRO A 356 3.39 18.24 -0.46
CA PRO A 356 3.81 17.49 0.74
C PRO A 356 2.67 16.65 1.33
N HIS A 357 2.39 15.53 0.67
CA HIS A 357 1.33 14.61 1.10
C HIS A 357 1.90 13.21 1.07
N ILE A 358 1.96 12.56 2.23
CA ILE A 358 2.55 11.23 2.37
C ILE A 358 1.44 10.21 2.50
N TYR A 359 1.48 9.17 1.69
CA TYR A 359 0.58 8.03 1.83
C TYR A 359 1.31 6.93 2.59
N MET A 360 0.95 6.73 3.86
CA MET A 360 1.60 5.68 4.67
C MET A 360 1.13 4.32 4.19
N ALA A 361 2.09 3.46 3.87
CA ALA A 361 1.77 2.12 3.37
C ALA A 361 1.44 1.12 4.48
N ASP A 362 1.62 1.49 5.75
CA ASP A 362 1.49 0.56 6.88
C ASP A 362 0.17 -0.21 6.83
N GLU A 363 0.23 -1.52 7.01
CA GLU A 363 -1.00 -2.28 7.30
C GLU A 363 -1.67 -1.77 8.56
N GLU A 364 -0.86 -1.39 9.56
N GLU A 364 -0.90 -1.45 9.58
CA GLU A 364 -1.30 -1.02 10.91
CA GLU A 364 -1.43 -0.94 10.84
C GLU A 364 -0.42 0.14 11.36
C GLU A 364 -0.48 0.14 11.34
N PHE A 365 -0.92 1.38 11.24
CA PHE A 365 -0.04 2.53 11.52
C PHE A 365 0.24 2.67 13.02
N ILE A 366 -0.74 2.39 13.86
CA ILE A 366 -0.61 2.66 15.30
C ILE A 366 0.02 1.48 16.04
N GLY A 367 -0.47 0.29 15.81
CA GLY A 367 0.20 -0.89 16.30
C GLY A 367 -0.02 -1.13 17.78
N GLU A 368 0.83 -2.01 18.29
N GLU A 368 0.85 -1.98 18.32
CA GLU A 368 0.81 -2.46 19.68
CA GLU A 368 0.79 -2.32 19.73
C GLU A 368 2.22 -2.86 20.07
C GLU A 368 2.15 -2.90 20.12
N LEU A 369 2.66 -2.44 21.24
CA LEU A 369 3.95 -2.88 21.74
C LEU A 369 3.77 -3.62 23.06
N PRO A 370 4.63 -4.61 23.35
CA PRO A 370 4.52 -5.29 24.66
C PRO A 370 4.54 -4.33 25.84
N ASN A 371 5.34 -3.25 25.78
CA ASN A 371 5.32 -2.27 26.88
C ASN A 371 4.17 -1.27 26.81
N GLY A 372 3.29 -1.35 25.81
CA GLY A 372 2.12 -0.49 25.79
C GLY A 372 2.36 0.96 25.43
N THR A 373 3.51 1.28 24.85
CA THR A 373 3.89 2.65 24.57
C THR A 373 3.55 3.09 23.15
N GLU A 374 2.78 2.29 22.39
CA GLU A 374 2.59 2.59 20.98
C GLU A 374 1.97 3.97 20.77
N ALA A 375 1.05 4.38 21.64
CA ALA A 375 0.41 5.69 21.49
C ALA A 375 1.41 6.83 21.70
N GLN A 376 2.32 6.69 22.67
CA GLN A 376 3.34 7.71 22.88
C GLN A 376 4.30 7.79 21.71
N ARG A 377 4.55 6.65 21.06
CA ARG A 377 5.37 6.67 19.86
C ARG A 377 4.72 7.53 18.78
N ILE A 378 3.42 7.36 18.57
CA ILE A 378 2.72 8.15 17.55
C ILE A 378 2.75 9.63 17.93
N ILE A 379 2.49 9.93 19.20
CA ILE A 379 2.50 11.32 19.66
C ILE A 379 3.86 11.94 19.45
N ASP A 380 4.94 11.16 19.69
CA ASP A 380 6.29 11.66 19.46
C ASP A 380 6.57 11.91 17.97
N ILE A 381 6.10 11.03 17.09
CA ILE A 381 6.20 11.31 15.65
C ILE A 381 5.44 12.59 15.30
N CYS A 382 4.23 12.73 15.83
CA CYS A 382 3.44 13.93 15.56
C CYS A 382 4.12 15.18 16.08
N GLU A 383 4.68 15.13 17.30
CA GLU A 383 5.40 16.28 17.84
C GLU A 383 6.57 16.66 16.96
N GLY A 384 7.26 15.66 16.40
CA GLY A 384 8.35 15.96 15.47
C GLY A 384 7.85 16.62 14.20
N LEU A 385 6.72 16.17 13.67
CA LEU A 385 6.16 16.80 12.47
C LEU A 385 5.76 18.25 12.76
N LEU A 386 5.26 18.51 13.97
CA LEU A 386 4.81 19.83 14.34
C LEU A 386 5.97 20.81 14.54
N LYS A 387 7.19 20.30 14.67
CA LYS A 387 8.40 21.13 14.72
C LYS A 387 8.88 21.56 13.35
N ARG A 388 8.38 20.95 12.28
CA ARG A 388 8.83 21.30 10.94
C ARG A 388 8.31 22.70 10.58
N GLU A 389 9.00 23.33 9.63
CA GLU A 389 8.58 24.66 9.21
C GLU A 389 7.29 24.62 8.40
N GLU A 390 7.15 23.64 7.52
CA GLU A 390 5.99 23.53 6.65
C GLU A 390 5.08 22.40 7.10
N LYS A 391 3.78 22.61 6.99
CA LYS A 391 2.82 21.57 7.31
C LYS A 391 2.82 20.50 6.23
N ILE A 392 2.41 19.29 6.63
CA ILE A 392 2.22 18.21 5.69
C ILE A 392 0.82 17.63 5.89
N LYS A 393 0.40 16.81 4.94
CA LYS A 393 -0.79 15.98 5.08
C LYS A 393 -0.36 14.52 4.95
N PHE A 394 -1.02 13.62 5.67
CA PHE A 394 -0.64 12.22 5.50
C PHE A 394 -1.86 11.34 5.74
N ASP A 395 -1.92 10.25 4.98
CA ASP A 395 -3.00 9.26 5.06
C ASP A 395 -2.45 7.97 5.65
N PHE A 396 -3.29 7.23 6.39
CA PHE A 396 -2.88 5.91 6.89
C PHE A 396 -4.12 5.08 7.20
N ALA A 397 -3.89 3.80 7.51
CA ALA A 397 -4.94 2.84 7.84
C ALA A 397 -4.85 2.41 9.30
N ALA A 398 -6.00 2.11 9.90
CA ALA A 398 -6.06 1.66 11.29
C ALA A 398 -7.34 0.88 11.53
N ARG A 399 -7.28 -0.05 12.48
CA ARG A 399 -8.49 -0.78 12.87
C ARG A 399 -9.35 0.11 13.75
N ALA A 400 -10.65 -0.16 13.76
CA ALA A 400 -11.54 0.58 14.64
C ALA A 400 -11.10 0.48 16.10
N ASP A 401 -10.55 -0.66 16.54
CA ASP A 401 -10.17 -0.76 17.94
C ASP A 401 -8.83 -0.08 18.23
N SER A 402 -8.18 0.48 17.22
N SER A 402 -8.17 0.48 17.22
CA SER A 402 -7.08 1.39 17.51
CA SER A 402 -7.07 1.40 17.48
C SER A 402 -7.58 2.77 17.88
C SER A 402 -7.59 2.77 17.90
N VAL A 403 -8.89 3.00 17.78
CA VAL A 403 -9.54 4.24 18.19
C VAL A 403 -10.24 4.07 19.53
N TYR A 404 -11.10 3.06 19.61
CA TYR A 404 -12.00 2.84 20.74
C TYR A 404 -12.05 1.35 21.04
N GLU A 405 -11.80 0.98 22.30
CA GLU A 405 -11.84 -0.42 22.70
C GLU A 405 -12.45 -0.50 24.09
N PRO A 406 -13.73 -0.83 24.19
CA PRO A 406 -14.39 -0.87 25.50
C PRO A 406 -13.90 -2.01 26.40
N LYS A 407 -13.13 -2.96 25.87
CA LYS A 407 -12.46 -3.93 26.74
C LYS A 407 -11.25 -3.34 27.44
N ARG A 408 -10.82 -2.15 27.06
N ARG A 408 -10.79 -2.15 27.05
CA ARG A 408 -9.72 -1.47 27.74
CA ARG A 408 -9.70 -1.48 27.73
C ARG A 408 -10.27 -0.39 28.66
C ARG A 408 -10.25 -0.37 28.63
N THR A 409 -9.39 0.14 29.50
CA THR A 409 -9.81 1.11 30.49
C THR A 409 -10.21 2.43 29.85
N LYS A 410 -11.02 3.20 30.58
CA LYS A 410 -11.35 4.55 30.13
C LYS A 410 -10.08 5.37 29.90
N GLU A 411 -9.09 5.24 30.79
CA GLU A 411 -7.87 6.02 30.61
C GLU A 411 -7.13 5.61 29.35
N TRP A 412 -7.09 4.31 29.03
CA TRP A 412 -6.53 3.88 27.76
C TRP A 412 -7.23 4.55 26.58
N ASN A 413 -8.58 4.61 26.63
CA ASN A 413 -9.36 5.17 25.53
C ASN A 413 -9.22 6.69 25.46
N VAL A 414 -9.13 7.35 26.61
CA VAL A 414 -8.94 8.80 26.61
C VAL A 414 -7.56 9.17 26.08
N GLU A 415 -6.53 8.39 26.43
N GLU A 415 -6.53 8.39 26.42
CA GLU A 415 -5.21 8.63 25.85
CA GLU A 415 -5.21 8.63 25.85
C GLU A 415 -5.19 8.30 24.36
C GLU A 415 -5.18 8.29 24.37
N ARG A 416 -5.96 7.30 23.95
CA ARG A 416 -6.09 7.02 22.53
C ARG A 416 -6.67 8.23 21.79
N LEU A 417 -7.67 8.89 22.39
CA LEU A 417 -8.27 10.05 21.73
C LEU A 417 -7.25 11.19 21.64
N LYS A 418 -6.45 11.40 22.69
CA LYS A 418 -5.38 12.39 22.61
C LYS A 418 -4.40 12.08 21.48
N MET A 419 -4.02 10.80 21.35
CA MET A 419 -3.15 10.39 20.26
C MET A 419 -3.74 10.75 18.90
N TRP A 420 -5.01 10.39 18.68
CA TRP A 420 -5.67 10.71 17.42
C TRP A 420 -5.74 12.22 17.20
N HIS A 421 -5.90 12.98 18.27
CA HIS A 421 -5.87 14.44 18.15
C HIS A 421 -4.51 14.91 17.65
N TYR A 422 -3.42 14.37 18.21
CA TYR A 422 -2.09 14.74 17.72
C TYR A 422 -1.91 14.34 16.25
N CYS A 423 -2.50 13.21 15.84
CA CYS A 423 -2.49 12.86 14.41
C CYS A 423 -3.17 13.94 13.57
N ALA A 424 -4.37 14.37 13.97
CA ALA A 424 -5.03 15.45 13.23
C ALA A 424 -4.18 16.72 13.23
N LEU A 425 -3.60 17.08 14.38
CA LEU A 425 -2.77 18.28 14.45
C LEU A 425 -1.59 18.20 13.49
N ALA A 426 -1.00 17.02 13.34
CA ALA A 426 0.20 16.89 12.53
C ALA A 426 -0.11 16.73 11.05
N GLY A 427 -1.39 16.68 10.66
CA GLY A 427 -1.69 16.54 9.25
C GLY A 427 -2.41 15.29 8.78
N ALA A 428 -2.85 14.43 9.70
CA ALA A 428 -3.64 13.25 9.31
C ALA A 428 -4.83 13.72 8.46
N ASP A 429 -4.95 13.16 7.25
CA ASP A 429 -5.87 13.72 6.26
C ASP A 429 -6.98 12.70 6.01
N ARG A 430 -6.82 11.77 5.09
CA ARG A 430 -7.83 10.77 4.84
C ARG A 430 -7.36 9.46 5.45
N ILE A 431 -8.10 8.98 6.44
CA ILE A 431 -7.73 7.78 7.18
C ILE A 431 -8.71 6.66 6.81
N PHE A 432 -8.17 5.46 6.60
CA PHE A 432 -8.94 4.29 6.22
C PHE A 432 -9.11 3.44 7.46
N ILE A 433 -10.36 3.11 7.80
N ILE A 433 -10.37 3.12 7.81
CA ILE A 433 -10.63 2.24 8.94
CA ILE A 433 -10.67 2.25 8.93
C ILE A 433 -11.36 1.00 8.43
C ILE A 433 -11.34 1.00 8.39
N GLY A 434 -10.80 -0.17 8.73
CA GLY A 434 -11.39 -1.43 8.31
C GLY A 434 -12.61 -1.86 9.10
N VAL A 435 -13.71 -1.11 8.97
CA VAL A 435 -14.95 -1.46 9.67
C VAL A 435 -15.43 -2.85 9.26
N GLU A 436 -15.52 -3.09 7.94
CA GLU A 436 -15.87 -4.33 7.23
C GLU A 436 -17.33 -4.73 7.34
N SER A 437 -17.98 -4.46 8.47
CA SER A 437 -19.34 -4.97 8.65
C SER A 437 -20.09 -4.14 9.68
N GLY A 438 -21.42 -4.14 9.54
CA GLY A 438 -22.32 -3.64 10.56
C GLY A 438 -23.08 -4.73 11.29
N SER A 439 -22.73 -5.99 11.09
CA SER A 439 -23.47 -7.10 11.66
C SER A 439 -22.57 -7.87 12.62
N ASN A 440 -23.02 -8.05 13.86
CA ASN A 440 -22.13 -8.66 14.84
C ASN A 440 -21.78 -10.10 14.48
N GLN A 441 -22.74 -10.85 13.92
CA GLN A 441 -22.44 -12.21 13.44
C GLN A 441 -21.42 -12.16 12.31
N GLN A 442 -21.64 -11.27 11.34
CA GLN A 442 -20.70 -11.19 10.23
C GLN A 442 -19.33 -10.74 10.72
N LEU A 443 -19.29 -9.77 11.63
CA LEU A 443 -18.00 -9.35 12.21
C LEU A 443 -17.26 -10.51 12.86
N LYS A 444 -17.99 -11.39 13.53
CA LYS A 444 -17.38 -12.58 14.09
C LYS A 444 -16.87 -13.53 13.01
N ARG A 445 -17.65 -13.74 11.94
CA ARG A 445 -17.19 -14.54 10.82
C ARG A 445 -15.93 -13.92 10.21
N TYR A 446 -15.85 -12.59 10.22
CA TYR A 446 -14.67 -11.89 9.70
C TYR A 446 -13.50 -11.88 10.68
N GLY A 447 -13.71 -12.40 11.89
CA GLY A 447 -12.68 -12.34 12.91
C GLY A 447 -12.23 -10.95 13.28
N LYS A 448 -13.12 -9.96 13.14
CA LYS A 448 -12.70 -8.58 13.34
C LYS A 448 -12.51 -8.21 14.81
N GLY A 449 -13.14 -8.95 15.72
CA GLY A 449 -13.00 -8.67 17.13
C GLY A 449 -13.77 -7.48 17.63
N THR A 450 -14.58 -6.86 16.77
CA THR A 450 -15.26 -5.62 17.09
C THR A 450 -16.77 -5.84 17.09
N THR A 451 -17.50 -4.88 17.65
CA THR A 451 -18.95 -4.87 17.51
C THR A 451 -19.37 -3.72 16.60
N SER A 452 -20.63 -3.79 16.15
CA SER A 452 -21.15 -2.74 15.29
C SER A 452 -21.24 -1.42 16.04
N GLU A 453 -21.67 -1.44 17.32
CA GLU A 453 -21.70 -0.19 18.05
C GLU A 453 -20.28 0.36 18.29
N GLN A 454 -19.30 -0.52 18.51
CA GLN A 454 -17.93 -0.06 18.65
C GLN A 454 -17.46 0.63 17.37
N ASN A 455 -17.90 0.12 16.22
CA ASN A 455 -17.51 0.76 14.96
C ASN A 455 -18.09 2.17 14.86
N ILE A 456 -19.36 2.32 15.24
CA ILE A 456 -20.00 3.63 15.19
C ILE A 456 -19.22 4.63 16.03
N ILE A 457 -18.83 4.23 17.24
CA ILE A 457 -18.14 5.16 18.12
C ILE A 457 -16.76 5.50 17.58
N ALA A 458 -16.04 4.53 17.02
CA ALA A 458 -14.76 4.84 16.41
C ALA A 458 -14.92 5.92 15.34
N LEU A 459 -15.96 5.80 14.51
CA LEU A 459 -16.18 6.77 13.45
C LEU A 459 -16.51 8.15 14.01
N ARG A 460 -17.29 8.18 15.11
CA ARG A 460 -17.60 9.44 15.79
C ARG A 460 -16.34 10.15 16.27
N LEU A 461 -15.46 9.41 16.96
CA LEU A 461 -14.27 10.00 17.55
C LEU A 461 -13.32 10.52 16.47
N VAL A 462 -13.07 9.73 15.43
CA VAL A 462 -12.13 10.19 14.41
C VAL A 462 -12.73 11.35 13.62
N SER A 463 -14.00 11.26 13.26
CA SER A 463 -14.59 12.34 12.47
C SER A 463 -14.65 13.63 13.28
N ALA A 464 -14.95 13.54 14.58
CA ALA A 464 -14.98 14.72 15.44
C ALA A 464 -13.64 15.43 15.49
N LEU A 465 -12.53 14.73 15.31
CA LEU A 465 -11.23 15.40 15.28
C LEU A 465 -10.92 16.08 13.95
N GLY A 466 -11.84 16.06 12.99
CA GLY A 466 -11.60 16.73 11.72
C GLY A 466 -10.78 15.92 10.74
N ILE A 467 -10.60 14.65 11.01
CA ILE A 467 -9.94 13.75 10.09
C ILE A 467 -11.00 13.25 9.14
N ASN A 468 -10.66 13.16 7.87
CA ASN A 468 -11.57 12.61 6.91
C ASN A 468 -11.43 11.09 6.92
N LEU A 469 -12.53 10.42 6.65
CA LEU A 469 -12.62 8.98 6.79
C LEU A 469 -13.01 8.29 5.50
N ARG A 470 -12.47 7.09 5.34
N ARG A 470 -12.47 7.09 5.31
CA ARG A 470 -12.86 6.08 4.37
CA ARG A 470 -12.94 6.10 4.34
C ARG A 470 -13.00 4.80 5.17
C ARG A 470 -12.95 4.76 5.06
N ILE A 471 -13.98 3.94 4.85
CA ILE A 471 -14.09 2.65 5.55
C ILE A 471 -14.18 1.52 4.55
N GLY A 472 -13.52 0.40 4.86
CA GLY A 472 -13.76 -0.80 4.11
C GLY A 472 -15.06 -1.43 4.60
N PHE A 473 -15.83 -1.97 3.67
CA PHE A 473 -17.10 -2.59 4.03
C PHE A 473 -17.34 -3.75 3.09
N ILE A 474 -17.45 -4.97 3.63
CA ILE A 474 -17.66 -6.16 2.83
C ILE A 474 -19.07 -6.66 3.07
N MET A 475 -20.00 -6.21 2.23
CA MET A 475 -21.42 -6.43 2.44
C MET A 475 -21.77 -7.92 2.40
N PHE A 476 -21.28 -8.63 1.39
CA PHE A 476 -21.62 -10.03 1.12
C PHE A 476 -20.45 -10.94 1.46
N ASP A 477 -20.73 -12.05 2.17
CA ASP A 477 -19.73 -13.11 2.26
C ASP A 477 -20.41 -14.46 2.09
N GLN A 478 -19.62 -15.44 1.64
CA GLN A 478 -20.15 -16.68 1.08
C GLN A 478 -20.78 -17.58 2.12
N LEU A 479 -20.37 -17.47 3.38
CA LEU A 479 -20.93 -18.31 4.43
C LEU A 479 -22.15 -17.70 5.11
N MET A 480 -22.61 -16.53 4.64
CA MET A 480 -23.79 -15.92 5.24
C MET A 480 -25.06 -16.73 4.92
N LYS A 481 -25.90 -16.93 5.92
CA LYS A 481 -27.13 -17.71 5.77
C LYS A 481 -28.31 -16.79 6.04
N GLY A 482 -29.17 -16.64 5.07
CA GLY A 482 -30.34 -15.79 5.22
C GLY A 482 -30.01 -14.33 5.01
N LEU A 483 -31.04 -13.49 5.11
CA LEU A 483 -30.96 -12.07 4.85
C LEU A 483 -30.72 -11.22 6.10
N ASP A 484 -30.71 -11.84 7.29
CA ASP A 484 -30.60 -11.07 8.55
C ASP A 484 -29.35 -10.18 8.56
N ASN A 485 -28.18 -10.74 8.22
CA ASN A 485 -26.94 -9.95 8.23
C ASN A 485 -26.98 -8.80 7.22
N LEU A 486 -27.66 -8.99 6.08
CA LEU A 486 -27.76 -7.89 5.12
C LEU A 486 -28.63 -6.77 5.70
N LYS A 487 -29.69 -7.13 6.42
CA LYS A 487 -30.53 -6.11 7.03
C LYS A 487 -29.78 -5.33 8.09
N GLU A 488 -29.04 -6.03 8.94
CA GLU A 488 -28.22 -5.36 9.95
C GLU A 488 -27.19 -4.42 9.29
N ASN A 489 -26.57 -4.88 8.21
CA ASN A 489 -25.60 -4.05 7.49
C ASN A 489 -26.24 -2.77 6.96
N LEU A 490 -27.39 -2.90 6.30
CA LEU A 490 -28.10 -1.75 5.75
C LEU A 490 -28.49 -0.76 6.84
N ASP A 491 -29.02 -1.26 7.98
CA ASP A 491 -29.34 -0.38 9.10
C ASP A 491 -28.09 0.37 9.59
N PHE A 492 -26.99 -0.36 9.80
CA PHE A 492 -25.74 0.25 10.20
C PHE A 492 -25.33 1.37 9.25
N LEU A 493 -25.32 1.07 7.94
CA LEU A 493 -24.87 2.01 6.93
C LEU A 493 -25.76 3.23 6.81
N GLU A 494 -27.02 3.13 7.21
CA GLU A 494 -27.95 4.26 7.22
C GLU A 494 -27.88 5.09 8.50
N ARG A 495 -27.09 4.68 9.50
CA ARG A 495 -27.03 5.47 10.73
C ARG A 495 -26.46 6.84 10.45
N THR A 496 -27.10 7.86 11.01
CA THR A 496 -26.66 9.24 10.85
C THR A 496 -26.10 9.82 12.13
N ASP A 497 -25.95 8.98 13.16
CA ASP A 497 -25.35 9.41 14.42
C ASP A 497 -23.89 9.01 14.55
N ALA A 498 -23.23 8.70 13.43
CA ALA A 498 -21.82 8.29 13.47
C ALA A 498 -20.87 9.37 13.00
N LEU A 499 -21.16 10.04 11.90
CA LEU A 499 -20.20 10.98 11.33
C LEU A 499 -20.42 12.36 11.93
N MET A 500 -19.38 12.89 12.57
CA MET A 500 -19.42 14.19 13.23
C MET A 500 -18.70 15.24 12.41
N LYS A 501 -19.20 16.47 12.48
CA LYS A 501 -18.44 17.60 11.99
C LYS A 501 -17.21 17.79 12.87
N PRO A 502 -16.16 18.45 12.36
CA PRO A 502 -15.01 18.78 13.19
C PRO A 502 -15.47 19.59 14.39
N ILE A 503 -15.14 19.11 15.59
CA ILE A 503 -15.62 19.72 16.82
C ILE A 503 -14.51 20.60 17.36
N ASP A 504 -14.83 21.87 17.64
CA ASP A 504 -13.83 22.73 18.27
C ASP A 504 -13.65 22.32 19.72
N ILE A 505 -12.41 21.94 20.08
CA ILE A 505 -12.12 21.43 21.41
C ILE A 505 -12.42 22.46 22.49
N GLY A 506 -12.19 23.73 22.19
CA GLY A 506 -12.48 24.77 23.16
C GLY A 506 -11.66 24.58 24.42
N ASP A 507 -12.35 24.47 25.55
CA ASP A 507 -11.68 24.24 26.82
C ASP A 507 -11.85 22.82 27.33
N MET A 508 -12.53 21.96 26.57
CA MET A 508 -12.78 20.60 27.02
C MET A 508 -11.49 19.85 27.25
N THR A 509 -11.47 19.02 28.29
CA THR A 509 -10.42 18.02 28.40
C THR A 509 -10.70 16.89 27.40
N TYR A 510 -9.67 16.09 27.17
CA TYR A 510 -9.89 14.89 26.36
C TYR A 510 -11.00 14.01 26.96
N GLU A 511 -11.01 13.86 28.29
CA GLU A 511 -12.02 13.02 28.92
C GLU A 511 -13.43 13.56 28.72
N GLU A 512 -13.60 14.88 28.74
CA GLU A 512 -14.94 15.43 28.59
C GLU A 512 -15.46 15.24 27.16
N LEU A 513 -14.57 15.45 26.17
CA LEU A 513 -14.96 15.23 24.79
C LEU A 513 -15.30 13.77 24.55
N TYR A 514 -14.45 12.86 25.05
CA TYR A 514 -14.71 11.43 24.96
C TYR A 514 -16.06 11.08 25.57
N ASP A 515 -16.31 11.52 26.80
CA ASP A 515 -17.55 11.20 27.49
C ASP A 515 -18.76 11.67 26.70
N LYS A 516 -18.68 12.87 26.12
CA LYS A 516 -19.84 13.40 25.41
C LYS A 516 -20.11 12.63 24.12
N LEU A 517 -19.06 12.27 23.37
CA LEU A 517 -19.26 11.54 22.14
C LEU A 517 -19.76 10.12 22.38
N LEU A 518 -19.42 9.52 23.53
CA LEU A 518 -19.96 8.21 23.83
C LEU A 518 -21.40 8.27 24.34
N ASN A 519 -21.74 9.23 25.21
CA ASN A 519 -22.95 9.13 26.01
C ASN A 519 -23.95 10.26 25.82
N ASP A 520 -23.50 11.46 25.44
CA ASP A 520 -24.38 12.63 25.39
C ASP A 520 -25.12 12.64 24.06
N LYS A 521 -26.35 12.11 24.04
CA LYS A 521 -27.12 12.04 22.80
C LYS A 521 -27.38 13.42 22.21
N GLU A 522 -27.56 14.44 23.05
CA GLU A 522 -27.83 15.78 22.52
C GLU A 522 -26.58 16.37 21.89
N PHE A 523 -25.42 16.14 22.50
CA PHE A 523 -24.15 16.56 21.92
C PHE A 523 -23.94 15.91 20.56
N ILE A 524 -24.13 14.59 20.48
CA ILE A 524 -24.00 13.86 19.22
C ILE A 524 -24.91 14.47 18.15
N GLU A 525 -26.19 14.69 18.49
CA GLU A 525 -27.12 15.26 17.51
C GLU A 525 -26.70 16.66 17.06
N LYS A 526 -26.19 17.48 17.97
CA LYS A 526 -25.83 18.85 17.59
C LYS A 526 -24.64 18.88 16.63
N HIS A 527 -23.71 17.93 16.76
CA HIS A 527 -22.48 18.00 15.99
C HIS A 527 -22.44 17.05 14.81
N LYS A 528 -23.48 16.26 14.58
CA LYS A 528 -23.48 15.30 13.49
C LYS A 528 -23.45 16.01 12.14
N THR A 529 -22.85 15.36 11.15
CA THR A 529 -22.97 15.91 9.80
C THR A 529 -24.32 15.58 9.18
N GLY A 530 -25.07 14.64 9.76
CA GLY A 530 -26.31 14.17 9.19
C GLY A 530 -26.15 13.23 8.01
N LYS A 531 -24.93 12.96 7.57
CA LYS A 531 -24.72 12.04 6.46
C LYS A 531 -24.70 10.59 6.96
N PRO A 532 -25.37 9.67 6.26
CA PRO A 532 -25.31 8.27 6.67
C PRO A 532 -23.93 7.67 6.43
N VAL A 533 -23.67 6.57 7.15
CA VAL A 533 -22.33 5.96 7.13
C VAL A 533 -21.94 5.53 5.72
N TYR A 534 -22.91 5.06 4.90
CA TYR A 534 -22.53 4.55 3.59
C TYR A 534 -21.84 5.62 2.74
N THR A 535 -21.99 6.91 3.07
CA THR A 535 -21.29 7.94 2.30
C THR A 535 -19.76 7.82 2.35
N ILE A 536 -19.18 7.15 3.36
CA ILE A 536 -17.73 7.05 3.41
C ILE A 536 -17.23 5.64 3.07
N VAL A 537 -18.10 4.79 2.56
CA VAL A 537 -17.70 3.43 2.19
C VAL A 537 -16.81 3.49 0.97
N SER A 538 -15.67 2.79 1.03
CA SER A 538 -14.71 2.79 -0.05
C SER A 538 -15.29 2.20 -1.35
N TYR A 539 -15.95 1.04 -1.24
N TYR A 539 -15.92 1.02 -1.25
CA TYR A 539 -16.47 0.34 -2.42
CA TYR A 539 -16.47 0.34 -2.41
C TYR A 539 -17.83 -0.20 -2.05
C TYR A 539 -17.84 -0.18 -2.03
N MET A 540 -18.88 0.34 -2.68
CA MET A 540 -20.24 -0.05 -2.33
C MET A 540 -20.57 -1.45 -2.82
N LEU A 541 -21.40 -2.16 -2.03
CA LEU A 541 -21.94 -3.47 -2.40
C LEU A 541 -20.84 -4.50 -2.62
N ALA A 542 -19.74 -4.41 -1.88
CA ALA A 542 -18.61 -5.30 -2.11
C ALA A 542 -18.89 -6.71 -1.59
N SER A 543 -18.25 -7.69 -2.24
CA SER A 543 -18.32 -9.10 -1.86
C SER A 543 -16.96 -9.64 -1.44
N MET A 544 -16.98 -10.61 -0.54
CA MET A 544 -15.75 -11.22 -0.04
C MET A 544 -14.95 -11.86 -1.16
N GLU A 545 -13.64 -11.65 -1.15
CA GLU A 545 -12.70 -12.40 -1.95
C GLU A 545 -11.93 -13.35 -1.04
N ILE A 546 -11.85 -14.61 -1.43
CA ILE A 546 -11.32 -15.65 -0.57
C ILE A 546 -9.87 -15.88 -0.98
N LEU A 547 -8.93 -15.26 -0.28
CA LEU A 547 -7.54 -15.37 -0.65
C LEU A 547 -6.95 -16.69 -0.15
N MET A 548 -5.81 -17.06 -0.72
CA MET A 548 -5.13 -18.27 -0.31
C MET A 548 -4.59 -18.10 1.12
N ASN A 549 -4.44 -19.23 1.80
CA ASN A 549 -3.83 -19.30 3.13
C ASN A 549 -4.63 -18.59 4.22
N THR A 550 -6.04 -18.34 3.98
CA THR A 550 -6.78 -17.60 4.99
C THR A 550 -7.59 -18.52 5.91
N PRO A 551 -7.85 -18.08 7.14
CA PRO A 551 -8.85 -18.77 7.97
C PRO A 551 -10.18 -18.86 7.30
N TYR A 552 -10.58 -17.84 6.53
CA TYR A 552 -11.88 -17.89 5.88
C TYR A 552 -11.92 -18.99 4.83
N SER A 553 -10.85 -19.15 4.05
CA SER A 553 -10.84 -20.24 3.06
C SER A 553 -10.98 -21.58 3.75
N ARG A 554 -10.33 -21.75 4.90
CA ARG A 554 -10.45 -23.01 5.64
C ARG A 554 -11.84 -23.16 6.26
N MET A 555 -12.46 -22.05 6.70
CA MET A 555 -13.86 -22.10 7.13
C MET A 555 -14.75 -22.57 6.00
N VAL A 556 -14.48 -22.14 4.77
CA VAL A 556 -15.28 -22.57 3.63
C VAL A 556 -15.08 -24.05 3.37
N GLN A 557 -13.82 -24.48 3.25
CA GLN A 557 -13.51 -25.90 3.05
C GLN A 557 -14.15 -26.75 4.14
N LEU A 558 -14.30 -26.20 5.34
CA LEU A 558 -14.89 -26.93 6.46
C LEU A 558 -16.41 -27.00 6.37
N THR A 559 -17.05 -25.98 5.80
CA THR A 559 -18.47 -26.06 5.47
C THR A 559 -18.72 -26.98 4.28
N GLU A 560 -17.77 -27.04 3.34
CA GLU A 560 -17.89 -27.95 2.21
C GLU A 560 -18.02 -29.40 2.67
N ARG A 561 -17.26 -29.78 3.70
CA ARG A 561 -17.28 -31.16 4.20
C ARG A 561 -18.44 -31.40 5.17
N LYS A 562 -18.84 -30.38 5.93
CA LYS A 562 -19.86 -30.57 6.96
C LYS A 562 -21.27 -30.64 6.38
N GLU A 563 -21.53 -29.95 5.28
CA GLU A 563 -22.85 -29.95 4.65
C GLU A 563 -22.81 -30.58 3.26
N GLU A 564 -21.67 -31.12 2.85
CA GLU A 564 -21.53 -31.90 1.62
C GLU A 564 -21.91 -31.06 0.39
N VAL A 565 -21.33 -29.86 0.32
CA VAL A 565 -21.59 -28.92 -0.77
C VAL A 565 -20.26 -28.59 -1.43
N ASN A 566 -20.31 -28.30 -2.72
CA ASN A 566 -19.12 -27.93 -3.49
C ASN A 566 -19.15 -26.41 -3.74
N LEU A 567 -18.50 -25.65 -2.85
CA LEU A 567 -18.46 -24.19 -2.89
C LEU A 567 -17.25 -23.64 -3.61
N ILE A 568 -16.09 -24.29 -3.46
CA ILE A 568 -14.86 -23.82 -4.08
C ILE A 568 -14.76 -24.46 -5.46
N MET A 569 -14.89 -23.63 -6.51
CA MET A 569 -14.89 -24.11 -7.88
C MET A 569 -13.44 -24.22 -8.39
N ASN A 570 -13.26 -24.32 -9.71
CA ASN A 570 -11.96 -24.62 -10.30
C ASN A 570 -11.37 -25.89 -9.67
N ASP A 571 -12.25 -26.84 -9.33
CA ASP A 571 -11.89 -28.14 -8.74
C ASP A 571 -10.99 -27.96 -7.52
N GLY A 572 -11.36 -27.01 -6.66
CA GLY A 572 -10.61 -26.73 -5.45
C GLY A 572 -9.36 -25.88 -5.65
N LYS A 573 -8.84 -25.77 -6.86
CA LYS A 573 -7.60 -25.04 -7.08
C LYS A 573 -7.83 -23.54 -6.89
N PRO A 574 -6.81 -22.80 -6.45
CA PRO A 574 -6.88 -21.34 -6.51
C PRO A 574 -6.32 -20.78 -7.80
N ASP A 575 -6.42 -19.46 -7.95
CA ASP A 575 -5.88 -18.73 -9.10
C ASP A 575 -4.53 -18.13 -8.71
N MET A 576 -3.49 -18.45 -9.48
CA MET A 576 -2.16 -17.94 -9.14
C MET A 576 -2.03 -16.45 -9.42
N ASN A 577 -2.56 -15.99 -10.56
CA ASN A 577 -2.45 -14.57 -10.91
C ASN A 577 -3.10 -13.67 -9.87
N MET A 578 -4.21 -14.11 -9.25
CA MET A 578 -4.94 -13.30 -8.28
C MET A 578 -4.80 -13.79 -6.86
N GLY A 579 -4.07 -14.87 -6.62
CA GLY A 579 -3.86 -15.37 -5.27
C GLY A 579 -5.14 -15.60 -4.48
N ARG A 580 -6.19 -16.09 -5.14
CA ARG A 580 -7.49 -16.21 -4.51
C ARG A 580 -8.23 -17.41 -5.07
N TYR A 581 -9.29 -17.82 -4.37
CA TYR A 581 -10.15 -18.92 -4.78
C TYR A 581 -11.43 -18.36 -5.37
N ALA A 582 -11.91 -18.99 -6.44
CA ALA A 582 -13.24 -18.73 -6.97
C ALA A 582 -14.23 -19.59 -6.20
N THR A 583 -15.16 -18.95 -5.49
CA THR A 583 -16.03 -19.63 -4.53
C THR A 583 -17.47 -19.15 -4.69
N SER A 584 -18.42 -20.07 -4.56
CA SER A 584 -19.84 -19.73 -4.59
C SER A 584 -20.43 -19.70 -3.19
N PHE A 585 -21.64 -19.16 -3.09
CA PHE A 585 -22.29 -18.85 -1.82
C PHE A 585 -23.07 -20.06 -1.29
N VAL A 586 -22.99 -20.29 0.02
CA VAL A 586 -23.74 -21.40 0.61
C VAL A 586 -25.24 -21.13 0.57
N ASP A 587 -25.65 -19.86 0.62
CA ASP A 587 -27.05 -19.47 0.55
C ASP A 587 -27.29 -18.91 -0.85
N LYS A 588 -28.09 -19.61 -1.68
CA LYS A 588 -28.18 -19.26 -3.10
C LYS A 588 -28.82 -17.90 -3.34
N THR A 589 -29.75 -17.48 -2.48
CA THR A 589 -30.31 -16.15 -2.63
C THR A 589 -29.22 -15.08 -2.43
N ASN A 590 -28.42 -15.22 -1.38
CA ASN A 590 -27.34 -14.27 -1.13
C ASN A 590 -26.33 -14.24 -2.27
N GLY A 591 -26.00 -15.41 -2.82
CA GLY A 591 -25.16 -15.45 -4.01
C GLY A 591 -25.77 -14.75 -5.19
N ASN A 592 -27.10 -14.89 -5.35
CA ASN A 592 -27.80 -14.18 -6.40
C ASN A 592 -27.76 -12.67 -6.17
N LEU A 593 -27.91 -12.23 -4.93
CA LEU A 593 -27.86 -10.81 -4.64
C LEU A 593 -26.47 -10.25 -4.91
N SER A 594 -25.42 -10.97 -4.49
CA SER A 594 -24.05 -10.56 -4.77
C SER A 594 -23.81 -10.44 -6.26
N GLU A 595 -24.24 -11.45 -7.02
CA GLU A 595 -24.11 -11.40 -8.47
C GLU A 595 -24.88 -10.22 -9.05
N ALA A 596 -26.11 -10.01 -8.60
CA ALA A 596 -26.87 -8.87 -9.10
C ALA A 596 -26.12 -7.56 -8.86
N CYS A 597 -25.55 -7.38 -7.67
CA CYS A 597 -24.86 -6.13 -7.35
C CYS A 597 -23.62 -5.95 -8.21
N GLN A 598 -22.91 -7.03 -8.53
CA GLN A 598 -21.80 -6.91 -9.46
C GLN A 598 -22.28 -6.47 -10.84
N MET A 599 -23.41 -7.03 -11.29
CA MET A 599 -23.96 -6.63 -12.59
C MET A 599 -24.40 -5.16 -12.58
N TRP A 600 -25.02 -4.72 -11.49
CA TRP A 600 -25.32 -3.30 -11.32
C TRP A 600 -24.08 -2.45 -11.50
N ILE A 601 -23.00 -2.80 -10.80
CA ILE A 601 -21.75 -2.05 -10.92
C ILE A 601 -21.24 -2.05 -12.34
N ASP A 602 -21.23 -3.22 -12.99
CA ASP A 602 -20.78 -3.29 -14.37
C ASP A 602 -21.64 -2.42 -15.29
N SER A 603 -22.93 -2.35 -15.03
CA SER A 603 -23.84 -1.62 -15.90
C SER A 603 -23.69 -0.11 -15.79
N ASN A 604 -23.17 0.39 -14.68
CA ASN A 604 -23.01 1.83 -14.49
C ASN A 604 -21.57 2.28 -14.62
N PHE A 605 -20.64 1.35 -14.87
CA PHE A 605 -19.22 1.66 -14.72
C PHE A 605 -18.76 2.73 -15.73
N GLY A 606 -19.14 2.56 -17.00
CA GLY A 606 -18.65 3.47 -18.02
C GLY A 606 -19.06 4.91 -17.76
N VAL A 607 -20.35 5.14 -17.51
CA VAL A 607 -20.84 6.49 -17.28
C VAL A 607 -20.26 7.06 -15.98
N MET A 608 -20.25 6.26 -14.90
CA MET A 608 -19.74 6.80 -13.65
C MET A 608 -18.23 7.00 -13.67
N TYR A 609 -17.50 6.15 -14.40
CA TYR A 609 -16.08 6.42 -14.58
C TYR A 609 -15.89 7.77 -15.28
N THR A 610 -16.68 8.03 -16.32
CA THR A 610 -16.53 9.27 -17.08
C THR A 610 -16.83 10.49 -16.22
N ILE A 611 -17.94 10.44 -15.48
CA ILE A 611 -18.29 11.51 -14.55
C ILE A 611 -17.15 11.77 -13.57
N LYS A 612 -16.59 10.71 -12.99
CA LYS A 612 -15.51 10.89 -12.02
C LYS A 612 -14.27 11.45 -12.70
N SER A 613 -13.98 11.02 -13.92
CA SER A 613 -12.84 11.54 -14.67
C SER A 613 -13.03 13.03 -15.01
N LEU A 614 -14.23 13.42 -15.44
CA LEU A 614 -14.49 14.84 -15.68
C LEU A 614 -14.40 15.64 -14.38
N HIS A 615 -14.85 15.06 -13.28
CA HIS A 615 -14.85 15.78 -12.01
C HIS A 615 -13.45 16.18 -11.61
N LYS A 616 -12.45 15.34 -11.93
CA LYS A 616 -11.08 15.62 -11.54
C LYS A 616 -10.61 16.96 -12.06
N VAL A 617 -11.11 17.40 -13.21
CA VAL A 617 -10.54 18.55 -13.90
C VAL A 617 -11.59 19.64 -14.15
N ALA A 618 -12.74 19.59 -13.47
CA ALA A 618 -13.81 20.54 -13.72
C ALA A 618 -13.60 21.85 -12.93
N ASN A 619 -14.26 22.91 -13.40
CA ASN A 619 -14.28 24.17 -12.68
C ASN A 619 -15.07 24.01 -11.39
N PRO A 620 -15.01 25.01 -10.49
CA PRO A 620 -15.63 24.82 -9.16
C PRO A 620 -17.10 24.49 -9.19
N ARG A 621 -17.85 25.16 -10.05
CA ARG A 621 -19.29 24.97 -10.13
C ARG A 621 -19.64 23.65 -10.84
N GLU A 622 -18.93 23.30 -11.92
CA GLU A 622 -19.13 21.99 -12.54
C GLU A 622 -18.71 20.86 -11.58
N LYS A 623 -17.64 21.08 -10.82
CA LYS A 623 -17.16 20.06 -9.88
C LYS A 623 -18.25 19.70 -8.89
N LYS A 624 -18.92 20.70 -8.35
CA LYS A 624 -20.00 20.42 -7.41
C LYS A 624 -21.16 19.72 -8.10
N LYS A 625 -21.46 20.09 -9.36
CA LYS A 625 -22.54 19.42 -10.07
C LYS A 625 -22.22 17.94 -10.29
N LEU A 626 -21.03 17.67 -10.82
CA LEU A 626 -20.60 16.30 -11.08
C LEU A 626 -20.47 15.51 -9.78
N TYR A 627 -20.05 16.16 -8.71
CA TYR A 627 -19.97 15.46 -7.43
C TYR A 627 -21.37 15.08 -6.95
N SER A 628 -22.38 15.92 -7.19
CA SER A 628 -23.72 15.59 -6.75
C SER A 628 -24.25 14.37 -7.52
N TYR A 629 -23.89 14.24 -8.81
CA TYR A 629 -24.19 13.00 -9.52
C TYR A 629 -23.61 11.80 -8.78
N MET A 630 -22.34 11.89 -8.39
CA MET A 630 -21.69 10.75 -7.75
C MET A 630 -22.32 10.43 -6.40
N GLU A 631 -22.74 11.45 -5.66
CA GLU A 631 -23.47 11.24 -4.41
C GLU A 631 -24.79 10.55 -4.64
N THR A 632 -25.53 10.98 -5.66
CA THR A 632 -26.82 10.38 -5.93
C THR A 632 -26.66 8.95 -6.41
N HIS A 633 -25.64 8.69 -7.23
CA HIS A 633 -25.38 7.32 -7.67
C HIS A 633 -25.10 6.40 -6.49
N ARG A 634 -24.26 6.85 -5.55
CA ARG A 634 -23.99 6.05 -4.36
C ARG A 634 -25.26 5.78 -3.58
N GLU A 635 -26.11 6.79 -3.49
CA GLU A 635 -27.37 6.66 -2.77
C GLU A 635 -28.29 5.66 -3.45
N ILE A 636 -28.40 5.74 -4.78
CA ILE A 636 -29.24 4.80 -5.53
C ILE A 636 -28.68 3.40 -5.40
N SER A 637 -27.34 3.27 -5.38
CA SER A 637 -26.72 1.95 -5.25
C SER A 637 -26.97 1.35 -3.87
N HIS A 638 -26.94 2.18 -2.83
CA HIS A 638 -27.28 1.69 -1.49
C HIS A 638 -28.71 1.17 -1.45
N PHE A 639 -29.65 1.97 -1.94
CA PHE A 639 -31.03 1.58 -1.80
C PHE A 639 -31.46 0.55 -2.84
N LEU A 640 -30.61 0.28 -3.84
CA LEU A 640 -30.82 -0.91 -4.66
C LEU A 640 -30.89 -2.16 -3.79
N LEU A 641 -29.91 -2.34 -2.91
CA LEU A 641 -29.89 -3.52 -2.07
C LEU A 641 -31.02 -3.48 -1.04
N LYS A 642 -31.32 -2.29 -0.51
CA LYS A 642 -32.46 -2.23 0.40
C LYS A 642 -33.73 -2.65 -0.32
N TYR A 643 -33.84 -2.30 -1.59
CA TYR A 643 -35.02 -2.63 -2.39
C TYR A 643 -35.06 -4.12 -2.74
N LEU A 644 -33.92 -4.70 -3.08
CA LEU A 644 -33.87 -6.14 -3.34
C LEU A 644 -34.27 -6.93 -2.09
N VAL A 645 -33.69 -6.59 -0.94
CA VAL A 645 -34.01 -7.30 0.30
C VAL A 645 -35.49 -7.10 0.68
N TYR A 646 -36.02 -5.91 0.41
CA TYR A 646 -37.44 -5.67 0.67
C TYR A 646 -38.32 -6.60 -0.16
N ASN A 647 -37.99 -6.78 -1.44
CA ASN A 647 -38.80 -7.63 -2.30
C ASN A 647 -38.66 -9.10 -1.96
N LEU A 648 -37.61 -9.48 -1.24
CA LEU A 648 -37.48 -10.86 -0.78
C LEU A 648 -38.09 -11.07 0.59
N SER A 649 -38.09 -10.04 1.42
CA SER A 649 -38.47 -10.14 2.82
C SER A 649 -38.95 -8.79 3.34
N PRO A 650 -40.19 -8.39 3.04
CA PRO A 650 -40.63 -7.04 3.41
C PRO A 650 -40.87 -6.88 4.90
N ASP A 651 -40.71 -5.64 5.36
CA ASP A 651 -41.09 -5.23 6.70
C ASP A 651 -41.56 -3.79 6.61
N LYS A 652 -42.23 -3.33 7.66
CA LYS A 652 -42.88 -2.02 7.60
C LYS A 652 -41.87 -0.89 7.60
N GLU A 653 -40.85 -0.97 8.46
CA GLU A 653 -39.87 0.11 8.60
C GLU A 653 -39.08 0.32 7.30
N SER A 654 -38.66 -0.78 6.67
CA SER A 654 -37.93 -0.68 5.42
C SER A 654 -38.81 -0.09 4.31
N GLN A 655 -40.11 -0.40 4.34
CA GLN A 655 -41.02 0.14 3.35
C GLN A 655 -41.12 1.66 3.47
N ILE A 656 -41.19 2.17 4.69
CA ILE A 656 -41.24 3.61 4.90
C ILE A 656 -39.99 4.28 4.33
N ILE A 657 -38.82 3.69 4.60
CA ILE A 657 -37.57 4.30 4.16
C ILE A 657 -37.51 4.37 2.65
N LEU A 658 -37.83 3.26 1.97
CA LEU A 658 -37.82 3.27 0.52
C LEU A 658 -38.83 4.27 -0.04
N SER A 659 -40.02 4.35 0.58
CA SER A 659 -41.02 5.32 0.14
C SER A 659 -40.56 6.75 0.38
N ASP A 660 -39.93 7.01 1.53
CA ASP A 660 -39.31 8.31 1.75
C ASP A 660 -38.28 8.63 0.67
N PHE A 661 -37.39 7.67 0.37
CA PHE A 661 -36.34 7.94 -0.61
C PHE A 661 -36.92 8.23 -1.98
N LEU A 662 -37.92 7.44 -2.40
CA LEU A 662 -38.59 7.74 -3.66
C LEU A 662 -39.19 9.13 -3.64
N ARG A 663 -40.04 9.41 -2.63
CA ARG A 663 -40.73 10.69 -2.57
C ARG A 663 -39.77 11.87 -2.50
N MET A 664 -38.58 11.66 -1.92
CA MET A 664 -37.63 12.76 -1.79
C MET A 664 -37.09 13.24 -3.13
N HIS A 665 -37.09 12.38 -4.16
CA HIS A 665 -36.61 12.74 -5.48
C HIS A 665 -37.74 12.80 -6.52
N SER A 666 -38.95 13.13 -6.08
CA SER A 666 -40.09 13.42 -6.96
C SER A 666 -40.27 12.32 -8.01
N MET A 667 -40.41 11.10 -7.53
CA MET A 667 -40.34 9.94 -8.43
C MET A 667 -40.94 8.72 -7.76
N GLU A 668 -41.91 8.94 -6.89
CA GLU A 668 -42.54 7.86 -6.15
C GLU A 668 -43.32 6.91 -7.05
N HIS A 669 -43.74 7.37 -8.22
CA HIS A 669 -44.52 6.55 -9.13
C HIS A 669 -43.69 5.95 -10.26
N ILE A 670 -42.39 6.27 -10.34
CA ILE A 670 -41.51 5.54 -11.26
C ILE A 670 -41.59 4.04 -10.98
N LEU A 671 -41.82 3.67 -9.72
CA LEU A 671 -41.90 2.27 -9.31
C LEU A 671 -43.36 1.90 -9.06
N ASP A 672 -43.88 0.96 -9.84
CA ASP A 672 -45.27 0.54 -9.77
C ASP A 672 -45.50 -0.71 -10.62
N ASN A 677 -42.68 -10.53 -8.01
CA ASN A 677 -43.08 -11.47 -6.95
C ASN A 677 -42.83 -10.89 -5.56
N VAL A 678 -42.82 -11.77 -4.56
CA VAL A 678 -42.37 -11.46 -3.20
C VAL A 678 -41.84 -12.76 -2.60
N GLY A 679 -40.72 -12.67 -1.89
CA GLY A 679 -40.09 -13.84 -1.32
C GLY A 679 -39.38 -14.74 -2.31
N ASP A 680 -39.36 -14.38 -3.59
CA ASP A 680 -38.79 -15.20 -4.66
C ASP A 680 -37.36 -14.72 -4.95
N GLY A 681 -36.37 -15.51 -4.51
CA GLY A 681 -34.97 -15.16 -4.65
C GLY A 681 -34.26 -15.78 -5.84
N SER A 682 -35.02 -16.16 -6.86
CA SER A 682 -34.43 -16.66 -8.09
C SER A 682 -33.68 -15.55 -8.82
N LYS A 683 -32.66 -15.93 -9.58
CA LYS A 683 -31.93 -14.96 -10.39
C LYS A 683 -32.87 -14.19 -11.30
N GLU A 684 -33.85 -14.88 -11.89
CA GLU A 684 -34.77 -14.23 -12.81
C GLU A 684 -35.56 -13.12 -12.13
N ASN A 685 -36.11 -13.40 -10.94
CA ASN A 685 -36.92 -12.40 -10.25
C ASN A 685 -36.06 -11.25 -9.75
N ILE A 686 -34.86 -11.56 -9.26
CA ILE A 686 -33.96 -10.52 -8.74
C ILE A 686 -33.59 -9.55 -9.87
N LEU A 687 -33.16 -10.09 -11.02
CA LEU A 687 -32.92 -9.28 -12.22
C LEU A 687 -34.12 -8.41 -12.58
N ASN A 688 -35.33 -8.96 -12.50
CA ASN A 688 -36.50 -8.17 -12.85
C ASN A 688 -36.70 -7.04 -11.85
N VAL A 689 -36.44 -7.31 -10.57
CA VAL A 689 -36.55 -6.27 -9.55
C VAL A 689 -35.49 -5.19 -9.79
N MET A 690 -34.29 -5.60 -10.21
CA MET A 690 -33.21 -4.65 -10.44
C MET A 690 -33.45 -3.85 -11.72
N THR A 691 -34.02 -4.48 -12.76
CA THR A 691 -34.47 -3.71 -13.92
C THR A 691 -35.40 -2.59 -13.50
N ASN A 692 -36.29 -2.86 -12.55
CA ASN A 692 -37.22 -1.82 -12.09
C ASN A 692 -36.46 -0.70 -11.38
N TRP A 693 -35.54 -1.09 -10.50
CA TRP A 693 -34.79 -0.09 -9.76
C TRP A 693 -33.92 0.74 -10.70
N GLN A 694 -33.41 0.14 -11.78
CA GLN A 694 -32.60 0.85 -12.75
C GLN A 694 -33.32 2.07 -13.34
N LEU A 695 -34.65 2.06 -13.33
CA LEU A 695 -35.40 3.24 -13.75
C LEU A 695 -35.06 4.46 -12.89
N ILE A 696 -34.65 4.23 -11.64
CA ILE A 696 -34.25 5.35 -10.81
C ILE A 696 -32.89 5.85 -11.25
N MET A 697 -31.98 4.95 -11.61
CA MET A 697 -30.71 5.39 -12.17
C MET A 697 -30.94 6.14 -13.48
N GLU A 698 -31.92 5.71 -14.28
CA GLU A 698 -32.23 6.44 -15.51
C GLU A 698 -32.59 7.89 -15.19
N LYS A 699 -33.40 8.09 -14.15
CA LYS A 699 -33.83 9.44 -13.81
C LYS A 699 -32.63 10.33 -13.48
N LEU A 700 -31.65 9.80 -12.74
CA LEU A 700 -30.42 10.55 -12.51
C LEU A 700 -29.70 10.85 -13.82
N LEU A 701 -29.56 9.84 -14.70
CA LEU A 701 -28.75 10.08 -15.87
C LEU A 701 -29.47 10.97 -16.88
N ARG A 702 -30.81 11.02 -16.86
CA ARG A 702 -31.53 12.01 -17.66
C ARG A 702 -31.19 13.43 -17.22
N ASP A 703 -31.01 13.66 -15.92
CA ASP A 703 -30.55 14.97 -15.45
C ASP A 703 -29.13 15.26 -15.95
N VAL A 704 -28.23 14.27 -15.88
CA VAL A 704 -26.87 14.45 -16.40
C VAL A 704 -26.92 14.80 -17.88
N GLU A 705 -27.76 14.08 -18.62
CA GLU A 705 -27.93 14.33 -20.05
C GLU A 705 -28.41 15.76 -20.31
N ALA A 706 -29.44 16.19 -19.57
CA ALA A 706 -29.95 17.54 -19.77
C ALA A 706 -28.90 18.59 -19.43
N ASP A 707 -28.17 18.38 -18.32
CA ASP A 707 -27.13 19.33 -17.94
C ASP A 707 -26.05 19.40 -19.00
N LEU A 708 -25.72 18.26 -19.60
CA LEU A 708 -24.74 18.28 -20.68
C LEU A 708 -25.28 19.07 -21.88
N ASN A 709 -26.52 18.77 -22.28
CA ASN A 709 -27.10 19.49 -23.43
C ASN A 709 -27.23 20.99 -23.18
N LYS A 710 -27.54 21.38 -21.94
CA LYS A 710 -27.67 22.80 -21.58
C LYS A 710 -26.33 23.51 -21.47
N GLY A 711 -25.21 22.80 -21.56
CA GLY A 711 -23.93 23.41 -21.28
C GLY A 711 -23.62 23.59 -19.80
N ILE A 712 -24.43 23.01 -18.90
CA ILE A 712 -24.16 23.17 -17.47
C ILE A 712 -22.94 22.36 -17.06
N ILE A 713 -22.70 21.21 -17.70
CA ILE A 713 -21.41 20.55 -17.58
C ILE A 713 -20.79 20.41 -18.97
N THR A 714 -19.47 20.25 -18.98
CA THR A 714 -18.69 20.20 -20.21
C THR A 714 -18.12 18.81 -20.42
N ASP A 715 -18.28 18.29 -21.65
CA ASP A 715 -17.79 16.97 -22.02
C ASP A 715 -16.31 17.03 -22.38
N SER A 716 -15.71 15.85 -22.42
CA SER A 716 -14.33 15.77 -22.88
C SER A 716 -14.28 16.00 -24.39
N GLU A 717 -13.05 16.12 -24.90
CA GLU A 717 -12.91 16.38 -26.33
C GLU A 717 -13.37 15.20 -27.16
N ASP A 718 -13.19 13.98 -26.66
CA ASP A 718 -13.63 12.79 -27.38
C ASP A 718 -15.10 12.45 -27.13
N HIS A 719 -15.87 13.34 -26.50
CA HIS A 719 -17.32 13.16 -26.31
C HIS A 719 -17.65 11.93 -25.47
N ARG A 720 -16.83 11.70 -24.45
CA ARG A 720 -16.95 10.48 -23.67
C ARG A 720 -18.25 10.42 -22.88
N LEU A 721 -18.68 11.53 -22.27
CA LEU A 721 -19.94 11.46 -21.52
C LEU A 721 -21.13 11.29 -22.45
N HIS A 722 -21.13 12.02 -23.58
CA HIS A 722 -22.17 11.79 -24.57
C HIS A 722 -22.23 10.33 -25.00
N ASN A 723 -21.07 9.75 -25.33
CA ASN A 723 -21.04 8.38 -25.84
C ASN A 723 -21.53 7.39 -24.80
N THR A 724 -21.02 7.50 -23.56
CA THR A 724 -21.40 6.53 -22.54
C THR A 724 -22.84 6.70 -22.10
N LEU A 725 -23.34 7.93 -22.04
CA LEU A 725 -24.76 8.11 -21.73
C LEU A 725 -25.64 7.45 -22.80
N LYS A 726 -25.32 7.69 -24.08
CA LYS A 726 -26.09 7.12 -25.17
C LYS A 726 -26.13 5.60 -25.07
N ARG A 727 -24.97 4.98 -24.82
CA ARG A 727 -24.90 3.53 -24.63
C ARG A 727 -25.73 3.09 -23.43
N TRP A 728 -25.64 3.85 -22.33
CA TRP A 728 -26.36 3.45 -21.12
C TRP A 728 -27.85 3.40 -21.36
N PHE A 729 -28.40 4.44 -22.00
CA PHE A 729 -29.84 4.43 -22.29
C PHE A 729 -30.20 3.25 -23.19
N SER A 730 -29.37 2.98 -24.20
CA SER A 730 -29.66 1.87 -25.10
C SER A 730 -29.50 0.51 -24.44
N ASP A 731 -28.75 0.42 -23.33
CA ASP A 731 -28.49 -0.85 -22.66
C ASP A 731 -29.43 -1.10 -21.48
N MET A 732 -30.44 -0.24 -21.27
CA MET A 732 -31.31 -0.41 -20.11
C MET A 732 -31.99 -1.76 -20.10
N GLY A 733 -32.04 -2.37 -18.92
CA GLY A 733 -32.69 -3.66 -18.72
C GLY A 733 -32.00 -4.85 -19.37
N ASN A 734 -30.85 -4.65 -20.00
CA ASN A 734 -30.25 -5.66 -20.87
C ASN A 734 -29.01 -6.23 -20.20
N TRP A 735 -29.23 -7.10 -19.21
CA TRP A 735 -28.16 -7.54 -18.31
C TRP A 735 -27.27 -8.65 -18.88
N SER A 736 -26.82 -8.53 -20.12
CA SER A 736 -25.81 -9.46 -20.63
C SER A 736 -24.47 -9.13 -19.99
N LEU A 737 -24.08 -9.91 -18.98
CA LEU A 737 -22.86 -9.68 -18.20
C LEU A 737 -22.84 -8.27 -17.61
#